data_7DH5
#
_entry.id   7DH5
#
_cell.length_a   1.00
_cell.length_b   1.00
_cell.length_c   1.00
_cell.angle_alpha   90.00
_cell.angle_beta   90.00
_cell.angle_gamma   90.00
#
_symmetry.space_group_name_H-M   'P 1'
#
loop_
_entity.id
_entity.type
_entity.pdbx_description
1 polymer 'Guanine nucleotide-binding protein G(s) subunit alpha isoforms short,Guanine nucleotide-binding protein G(s) subunit alpha isoforms short'
2 polymer 'Guanine nucleotide-binding protein G(I)/G(S)/G(T) subunit beta-1'
3 polymer 'Guanine nucleotide-binding protein G(I)/G(S)/G(O) subunit gamma-2'
4 polymer 'nanobody Nb35'
5 polymer 'Beta-3 adrenergic receptor'
6 non-polymer 2-(2-azanyl-1,3-thiazol-4-yl)-N-[4-[2-[[(2R)-2-oxidanyl-2-phenyl-ethyl]amino]ethyl]phenyl]ethanamide
#
loop_
_entity_poly.entity_id
_entity_poly.type
_entity_poly.pdbx_seq_one_letter_code
_entity_poly.pdbx_strand_id
1 'polypeptide(L)'
;GNSKTEDQRNEEKAQREANKKIEKQLQKDKQVYRATHRLLLLGADNSGKSTIVKQMRILHGGSGGSGGTSGIFETKFQVD
KVNFHMFDVGGQRDERRKWIQCFNDVTAIIFVVDSSDYNRLQEALNLFKSIWNNRWLRTISVILFLNKQDLLAEKVLAGK
SKIEDYFPEFARYTTPEDATPEPGEDPRVTRAKYFIRDEFLRISTASGDGRHYCYPHFTCAVDTENARRIFNDCRDIIQR
MHLRQYELL
;
A
2 'polypeptide(L)'
;MHHHHHHGSLLQSELDQLRQEAEQLKNQIRDARKACADATLSQITNNIDPVGRIQMRTRRTLRGHLAKIYAMHWGTDSRL
LVSASQDGKLIIWDSYTTNKVHAIPLRSSWVMTCAYAPSGNYVACGGLDNICSIYNLKTREGNVRVSRELAGHTGYLSCC
RFLDDNQIVTSSGDTTCALWDIETGQQTTTFTGHTGDVMSLSLAPDTRLFVSGACDASAKLWDVREGMCRQTFTGHESDI
NAICFFPNGNAFATGSDDATCRLFDLRADQELMTYSHDNIICGITSVSFSKSGRLLLAGYDDFNCNVWDALKADRAGVLA
GHDNRVSCLGVTDDGMAVATGSWDSFLKIWN
;
B
3 'polypeptide(L)' MASNNTASIAQARKLVEQLKMEANIDRIKVSKAAADLMAYCEAHAKEDPLLTPVPASENPFREKKFFS G
4 'polypeptide(L)'
;MGQVQLQESGGGLVQPGGSLRLSCAASGFTFSNYKMNWVRQAPGKGLEWVSDISQSGASISYTGSVKGRFTISRDNAKNT
LYLQMNSLKPEDTAVYYCARCPAPFTRDCFDVTSTTYAYRGQGTQVTVSSLHHHHHH
;
N
5 'polypeptide(L)'
;DYKDDDDAMGAPWPHGNGSVASWPAAPTPTPDAANTSGLPGAPWAVALAGALLALEVLATVGGNLLVIVAIARTPRLQTM
TNVFVTSLATADLVVGLLVVPPGATLALTGRWPLGATGCELWTSVDVLCVTASIETLCALAVDRYLAVTNPLRYGALVTK
RRARAAVVLVWVVSAAVSFAPIMSKWWRVGADAEAQRCHSNPHCCAFASNIPYALLSSSVSFYLPLLVMLFVYARVFLVA
TRQLRLLRRELGRFPPAESPPAASRSRSPGPARRCASPAAVPSDRLRPARLLPLREHRALRTLGLIVGTFTLCWLPFFVA
NVMRALGGPSLVPSPALLALNWLGYANSAFNPLIYCRSPDFRSAFRRLLCRCRREEHRAAASPPGDPSENLYFQG
;
R
#
loop_
_chem_comp.id
_chem_comp.type
_chem_comp.name
_chem_comp.formula
H6U non-polymer 2-(2-azanyl-1,3-thiazol-4-yl)-N-[4-[2-[[(2R)-2-oxidanyl-2-phenyl-ethyl]amino]ethyl]phenyl]ethanamide 'C21 H24 N4 O2 S'
#
# COMPACT_ATOMS: atom_id res chain seq x y z
N THR A 5 -32.21 -25.22 23.47
CA THR A 5 -31.24 -24.27 22.92
C THR A 5 -29.86 -24.52 23.52
N GLU A 6 -29.76 -25.56 24.35
CA GLU A 6 -28.49 -25.89 24.97
C GLU A 6 -27.44 -26.25 23.93
N ASP A 7 -27.85 -26.95 22.87
CA ASP A 7 -26.90 -27.31 21.82
C ASP A 7 -26.40 -26.08 21.09
N GLN A 8 -27.28 -25.10 20.85
CA GLN A 8 -26.86 -23.88 20.17
C GLN A 8 -25.93 -23.05 21.06
N ARG A 9 -26.24 -22.96 22.35
CA ARG A 9 -25.34 -22.25 23.25
C ARG A 9 -23.98 -22.95 23.35
N ASN A 10 -23.97 -24.28 23.30
CA ASN A 10 -22.69 -24.99 23.25
C ASN A 10 -21.95 -24.73 21.96
N GLU A 11 -22.68 -24.62 20.84
CA GLU A 11 -22.06 -24.22 19.58
C GLU A 11 -21.33 -22.89 19.74
N GLU A 12 -22.04 -21.86 20.18
CA GLU A 12 -21.41 -20.55 20.33
C GLU A 12 -20.28 -20.57 21.35
N LYS A 13 -20.39 -21.40 22.39
CA LYS A 13 -19.35 -21.45 23.41
C LYS A 13 -18.08 -22.06 22.84
N ALA A 14 -18.19 -23.23 22.18
CA ALA A 14 -17.02 -23.86 21.60
C ALA A 14 -16.52 -23.13 20.35
N GLN A 15 -17.27 -22.17 19.83
CA GLN A 15 -16.75 -21.29 18.80
C GLN A 15 -15.93 -20.15 19.37
N ARG A 16 -16.43 -19.52 20.45
CA ARG A 16 -15.64 -18.49 21.12
C ARG A 16 -14.37 -19.08 21.72
N GLU A 17 -14.44 -20.29 22.27
CA GLU A 17 -13.27 -20.92 22.86
C GLU A 17 -12.20 -21.23 21.83
N ALA A 18 -12.57 -21.33 20.55
CA ALA A 18 -11.59 -21.52 19.48
C ALA A 18 -11.08 -20.20 18.94
N ASN A 19 -11.95 -19.19 18.84
CA ASN A 19 -11.48 -17.87 18.43
C ASN A 19 -10.48 -17.30 19.42
N LYS A 20 -10.67 -17.56 20.72
CA LYS A 20 -9.71 -17.08 21.70
C LYS A 20 -8.36 -17.74 21.53
N LYS A 21 -8.35 -19.06 21.39
CA LYS A 21 -7.10 -19.79 21.20
C LYS A 21 -6.42 -19.41 19.90
N ILE A 22 -7.19 -18.99 18.89
CA ILE A 22 -6.58 -18.56 17.64
C ILE A 22 -5.96 -17.18 17.78
N GLU A 23 -6.69 -16.24 18.40
CA GLU A 23 -6.16 -14.89 18.57
C GLU A 23 -4.97 -14.85 19.52
N LYS A 24 -4.83 -15.83 20.41
CA LYS A 24 -3.62 -15.92 21.23
C LYS A 24 -2.39 -16.16 20.35
N GLN A 25 -2.41 -17.24 19.58
CA GLN A 25 -1.31 -17.54 18.66
C GLN A 25 -1.10 -16.41 17.66
N LEU A 26 -2.18 -15.75 17.27
CA LEU A 26 -2.04 -14.69 16.27
C LEU A 26 -1.42 -13.44 16.86
N GLN A 27 -1.63 -13.16 18.15
CA GLN A 27 -0.87 -12.09 18.80
C GLN A 27 0.61 -12.47 18.93
N LYS A 28 0.90 -13.74 19.19
CA LYS A 28 2.30 -14.17 19.17
C LYS A 28 2.94 -13.93 17.81
N ASP A 29 2.23 -14.30 16.73
CA ASP A 29 2.75 -14.07 15.39
C ASP A 29 2.88 -12.60 15.08
N LYS A 30 2.00 -11.75 15.62
CA LYS A 30 2.17 -10.31 15.42
C LYS A 30 3.42 -9.81 16.13
N GLN A 31 3.69 -10.32 17.32
CA GLN A 31 4.94 -9.94 18.00
C GLN A 31 6.15 -10.32 17.19
N VAL A 32 6.17 -11.53 16.63
CA VAL A 32 7.34 -11.97 15.87
C VAL A 32 7.47 -11.21 14.55
N TYR A 33 6.35 -10.99 13.86
CA TYR A 33 6.36 -10.46 12.51
C TYR A 33 6.81 -9.00 12.46
N ARG A 34 6.77 -8.30 13.58
CA ARG A 34 7.11 -6.89 13.59
C ARG A 34 8.54 -6.63 14.01
N ALA A 35 9.20 -7.59 14.64
CA ALA A 35 10.61 -7.50 14.97
C ALA A 35 11.49 -8.02 13.84
N THR A 36 10.93 -8.16 12.64
CA THR A 36 11.61 -8.73 11.48
C THR A 36 11.44 -7.80 10.30
N HIS A 37 12.54 -7.49 9.62
CA HIS A 37 12.53 -6.55 8.51
C HIS A 37 12.68 -7.29 7.19
N ARG A 38 11.83 -6.94 6.23
CA ARG A 38 11.81 -7.56 4.92
C ARG A 38 12.49 -6.65 3.91
N LEU A 39 13.22 -7.23 2.96
CA LEU A 39 14.12 -6.49 2.09
C LEU A 39 14.10 -7.09 0.69
N LEU A 40 13.28 -6.54 -0.20
CA LEU A 40 13.25 -7.02 -1.57
C LEU A 40 14.59 -6.77 -2.23
N LEU A 41 15.33 -7.82 -2.52
CA LEU A 41 16.64 -7.73 -3.17
C LEU A 41 16.46 -8.00 -4.66
N LEU A 42 16.64 -6.98 -5.48
CA LEU A 42 16.50 -7.18 -6.92
C LEU A 42 17.60 -6.42 -7.65
N GLY A 43 18.03 -6.99 -8.77
CA GLY A 43 19.06 -6.42 -9.60
C GLY A 43 18.88 -6.80 -11.04
N ALA A 44 19.96 -7.23 -11.70
CA ALA A 44 19.91 -7.72 -13.06
C ALA A 44 20.50 -9.13 -13.11
N ASP A 45 20.62 -9.67 -14.32
CA ASP A 45 21.14 -11.02 -14.47
C ASP A 45 22.61 -11.10 -14.08
N ASN A 46 23.40 -10.11 -14.47
CA ASN A 46 24.83 -10.07 -14.20
C ASN A 46 25.18 -9.24 -12.99
N SER A 47 24.18 -8.65 -12.33
CA SER A 47 24.45 -7.67 -11.27
C SER A 47 25.29 -8.27 -10.15
N GLY A 48 24.92 -9.44 -9.66
CA GLY A 48 25.67 -10.05 -8.59
C GLY A 48 24.89 -10.14 -7.29
N LYS A 49 23.55 -10.09 -7.39
CA LYS A 49 22.73 -10.25 -6.19
C LYS A 49 22.86 -11.65 -5.62
N SER A 50 23.06 -12.65 -6.47
CA SER A 50 23.25 -14.01 -6.00
C SER A 50 24.38 -14.12 -5.00
N THR A 51 25.39 -13.26 -5.11
CA THR A 51 26.53 -13.30 -4.22
C THR A 51 26.41 -12.33 -3.05
N ILE A 52 25.33 -11.53 -2.99
CA ILE A 52 25.01 -10.81 -1.76
C ILE A 52 24.10 -11.66 -0.87
N VAL A 53 23.48 -12.70 -1.41
CA VAL A 53 22.88 -13.71 -0.55
C VAL A 53 24.03 -14.55 0.00
N LYS A 54 24.45 -14.22 1.22
CA LYS A 54 25.66 -14.80 1.82
C LYS A 54 25.31 -15.72 2.99
N GLN A 55 24.15 -16.37 2.91
CA GLN A 55 23.71 -17.34 3.91
C GLN A 55 24.75 -18.42 4.14
N SER A 70 12.68 -22.15 -4.97
CA SER A 70 11.50 -22.00 -5.81
C SER A 70 11.47 -20.62 -6.46
N GLY A 71 10.29 -20.02 -6.52
CA GLY A 71 10.15 -18.69 -7.09
C GLY A 71 10.70 -17.56 -6.26
N ILE A 72 11.36 -17.85 -5.14
CA ILE A 72 11.93 -16.86 -4.22
C ILE A 72 13.03 -17.54 -3.41
N PHE A 73 14.14 -16.85 -3.21
CA PHE A 73 15.22 -17.30 -2.32
C PHE A 73 15.23 -16.44 -1.06
N GLU A 74 14.41 -16.81 -0.09
CA GLU A 74 14.50 -16.17 1.22
C GLU A 74 15.87 -16.43 1.82
N THR A 75 16.48 -15.39 2.37
CA THR A 75 17.75 -15.51 3.11
C THR A 75 17.65 -14.74 4.41
N LYS A 76 17.38 -15.44 5.50
CA LYS A 76 17.34 -14.80 6.81
C LYS A 76 18.74 -14.56 7.32
N PHE A 77 18.96 -13.39 7.90
CA PHE A 77 20.20 -13.11 8.61
C PHE A 77 19.90 -12.16 9.76
N GLN A 78 20.80 -12.14 10.73
CA GLN A 78 20.58 -11.40 11.96
C GLN A 78 21.86 -10.68 12.36
N VAL A 79 21.83 -9.36 12.31
CA VAL A 79 22.95 -8.53 12.71
C VAL A 79 22.49 -7.63 13.84
N ASP A 80 23.27 -7.60 14.92
CA ASP A 80 22.92 -6.85 16.13
C ASP A 80 21.54 -7.23 16.65
N LYS A 81 21.28 -8.54 16.70
CA LYS A 81 20.08 -9.10 17.30
C LYS A 81 18.78 -8.62 16.64
N VAL A 82 18.87 -8.01 15.46
CA VAL A 82 17.70 -7.64 14.68
C VAL A 82 17.57 -8.63 13.54
N ASN A 83 16.38 -9.19 13.35
CA ASN A 83 16.18 -10.22 12.35
C ASN A 83 15.87 -9.56 11.01
N PHE A 84 16.76 -9.72 10.04
CA PHE A 84 16.51 -9.28 8.69
C PHE A 84 16.09 -10.46 7.83
N HIS A 85 15.28 -10.17 6.83
CA HIS A 85 14.64 -11.22 6.05
C HIS A 85 14.65 -10.78 4.58
N MET A 86 15.72 -11.13 3.88
CA MET A 86 15.92 -10.71 2.51
C MET A 86 15.48 -11.82 1.56
N PHE A 87 14.97 -11.43 0.39
CA PHE A 87 14.41 -12.42 -0.52
C PHE A 87 14.49 -11.97 -1.97
N ASP A 88 15.38 -12.62 -2.71
CA ASP A 88 15.46 -12.49 -4.15
C ASP A 88 14.26 -13.16 -4.79
N VAL A 89 13.89 -12.71 -5.98
CA VAL A 89 12.70 -13.18 -6.68
C VAL A 89 13.15 -13.64 -8.06
N GLY A 90 13.37 -14.93 -8.22
CA GLY A 90 13.95 -15.43 -9.46
C GLY A 90 13.03 -16.25 -10.33
N GLY A 91 11.97 -16.81 -9.74
CA GLY A 91 11.14 -17.75 -10.47
C GLY A 91 10.32 -17.14 -11.58
N GLN A 92 10.02 -15.86 -11.51
CA GLN A 92 9.08 -15.26 -12.44
C GLN A 92 9.79 -14.81 -13.72
N ARG A 93 9.00 -14.49 -14.73
CA ARG A 93 9.55 -14.06 -16.00
C ARG A 93 9.93 -12.59 -15.93
N ASP A 94 10.26 -12.00 -17.07
CA ASP A 94 10.91 -10.70 -17.11
C ASP A 94 10.00 -9.53 -16.78
N GLU A 95 8.69 -9.65 -17.03
CA GLU A 95 7.77 -8.55 -16.74
C GLU A 95 7.56 -8.49 -15.23
N ARG A 96 7.72 -7.30 -14.65
CA ARG A 96 7.70 -7.18 -13.20
C ARG A 96 6.78 -6.05 -12.73
N ARG A 97 5.79 -5.69 -13.54
CA ARG A 97 4.94 -4.58 -13.14
C ARG A 97 3.79 -5.00 -12.24
N LYS A 98 3.45 -6.28 -12.17
CA LYS A 98 2.35 -6.76 -11.33
C LYS A 98 2.82 -7.44 -10.07
N TRP A 99 3.81 -8.32 -10.14
CA TRP A 99 4.25 -9.00 -8.93
C TRP A 99 5.13 -8.12 -8.05
N ILE A 100 5.49 -6.92 -8.51
CA ILE A 100 6.33 -6.06 -7.69
C ILE A 100 5.50 -5.21 -6.74
N GLN A 101 4.21 -5.08 -6.98
CA GLN A 101 3.34 -4.41 -6.01
C GLN A 101 3.25 -5.19 -4.72
N CYS A 102 3.50 -6.50 -4.74
CA CYS A 102 3.51 -7.29 -3.51
C CYS A 102 4.50 -6.79 -2.49
N PHE A 103 5.42 -5.92 -2.88
CA PHE A 103 6.55 -5.53 -2.04
C PHE A 103 6.51 -4.05 -1.69
N ASN A 104 5.33 -3.54 -1.36
CA ASN A 104 5.21 -2.14 -0.96
C ASN A 104 5.31 -1.95 0.54
N ASP A 105 5.51 -3.02 1.31
CA ASP A 105 5.57 -2.92 2.76
C ASP A 105 6.93 -3.34 3.28
N VAL A 106 7.92 -3.44 2.43
CA VAL A 106 9.26 -3.84 2.84
C VAL A 106 9.99 -2.60 3.34
N THR A 107 10.91 -2.82 4.28
CA THR A 107 11.72 -1.72 4.80
C THR A 107 12.47 -1.02 3.68
N ALA A 108 13.35 -1.74 3.01
CA ALA A 108 14.14 -1.20 1.92
C ALA A 108 13.99 -2.09 0.69
N ILE A 109 14.53 -1.60 -0.42
CA ILE A 109 14.61 -2.34 -1.66
C ILE A 109 16.08 -2.33 -2.06
N ILE A 110 16.76 -3.44 -1.90
CA ILE A 110 18.18 -3.51 -2.15
C ILE A 110 18.40 -3.67 -3.64
N PHE A 111 18.83 -2.61 -4.31
CA PHE A 111 18.96 -2.57 -5.76
C PHE A 111 20.44 -2.67 -6.08
N VAL A 112 20.87 -3.83 -6.55
CA VAL A 112 22.28 -4.11 -6.82
C VAL A 112 22.51 -4.07 -8.32
N VAL A 113 23.59 -3.43 -8.73
CA VAL A 113 23.91 -3.16 -10.12
C VAL A 113 25.41 -3.31 -10.30
N ASP A 114 25.83 -3.87 -11.43
CA ASP A 114 27.24 -3.95 -11.75
C ASP A 114 27.67 -2.69 -12.49
N SER A 115 28.55 -1.91 -11.86
CA SER A 115 28.98 -0.64 -12.41
C SER A 115 30.08 -0.79 -13.45
N SER A 116 30.33 -2.01 -13.94
CA SER A 116 31.40 -2.25 -14.89
C SER A 116 30.89 -2.34 -16.33
N ASP A 117 29.75 -2.98 -16.54
CA ASP A 117 29.25 -3.20 -17.89
C ASP A 117 28.43 -2.00 -18.30
N TYR A 118 29.08 -1.03 -18.96
CA TYR A 118 28.42 0.19 -19.38
C TYR A 118 27.30 -0.05 -20.38
N ASN A 119 27.37 -1.12 -21.17
CA ASN A 119 26.34 -1.35 -22.16
C ASN A 119 24.99 -1.59 -21.52
N ARG A 120 24.97 -2.12 -20.30
CA ARG A 120 23.74 -2.38 -19.59
C ARG A 120 23.67 -1.57 -18.31
N LEU A 121 24.04 -0.30 -18.39
CA LEU A 121 23.89 0.61 -17.26
C LEU A 121 22.71 1.54 -17.41
N GLN A 122 22.34 1.90 -18.64
CA GLN A 122 21.10 2.62 -18.83
C GLN A 122 19.89 1.75 -18.56
N GLU A 123 20.03 0.43 -18.71
CA GLU A 123 18.93 -0.45 -18.32
C GLU A 123 18.70 -0.41 -16.82
N ALA A 124 19.78 -0.37 -16.04
CA ALA A 124 19.64 -0.22 -14.60
C ALA A 124 19.15 1.18 -14.23
N LEU A 125 19.58 2.21 -14.95
CA LEU A 125 19.06 3.54 -14.69
C LEU A 125 17.56 3.59 -14.92
N ASN A 126 17.08 2.99 -16.00
CA ASN A 126 15.65 3.01 -16.27
C ASN A 126 14.87 2.16 -15.28
N LEU A 127 15.42 1.02 -14.87
CA LEU A 127 14.73 0.23 -13.85
C LEU A 127 14.64 1.00 -12.54
N PHE A 128 15.70 1.72 -12.17
CA PHE A 128 15.66 2.53 -10.95
C PHE A 128 14.66 3.67 -11.09
N LYS A 129 14.59 4.28 -12.26
CA LYS A 129 13.64 5.38 -12.46
C LYS A 129 12.21 4.89 -12.44
N SER A 130 11.97 3.62 -12.81
CA SER A 130 10.62 3.09 -12.75
C SER A 130 10.26 2.59 -11.36
N ILE A 131 11.24 2.09 -10.61
CA ILE A 131 10.99 1.72 -9.22
C ILE A 131 10.72 2.96 -8.38
N TRP A 132 11.49 4.02 -8.60
CA TRP A 132 11.33 5.26 -7.84
C TRP A 132 9.94 5.86 -8.04
N ASN A 133 9.54 6.07 -9.28
CA ASN A 133 8.31 6.78 -9.61
C ASN A 133 7.11 5.85 -9.74
N ASN A 134 6.87 4.98 -8.77
CA ASN A 134 5.78 4.01 -8.86
C ASN A 134 4.83 4.21 -7.70
N ARG A 135 3.52 4.22 -8.00
CA ARG A 135 2.51 4.59 -7.01
C ARG A 135 2.69 3.84 -5.69
N TRP A 136 3.09 2.57 -5.75
CA TRP A 136 3.11 1.71 -4.59
C TRP A 136 4.49 1.58 -3.97
N LEU A 137 5.54 1.75 -4.75
CA LEU A 137 6.91 1.80 -4.27
C LEU A 137 7.37 3.22 -4.03
N ARG A 138 6.45 4.18 -4.04
CA ARG A 138 6.76 5.59 -3.87
C ARG A 138 7.14 5.95 -2.46
N THR A 139 6.93 5.05 -1.50
CA THR A 139 7.34 5.30 -0.13
C THR A 139 8.48 4.40 0.30
N ILE A 140 8.95 3.52 -0.57
CA ILE A 140 10.03 2.59 -0.24
C ILE A 140 11.35 3.23 -0.64
N SER A 141 12.32 3.20 0.27
CA SER A 141 13.64 3.73 0.02
C SER A 141 14.57 2.63 -0.45
N VAL A 142 15.44 2.97 -1.40
CA VAL A 142 16.29 2.02 -2.08
C VAL A 142 17.68 2.09 -1.49
N ILE A 143 18.28 0.93 -1.23
CA ILE A 143 19.68 0.85 -0.87
C ILE A 143 20.43 0.43 -2.12
N LEU A 144 21.29 1.30 -2.63
CA LEU A 144 21.87 1.13 -3.95
C LEU A 144 23.28 0.55 -3.80
N PHE A 145 23.47 -0.64 -4.35
CA PHE A 145 24.77 -1.32 -4.30
C PHE A 145 25.38 -1.28 -5.70
N LEU A 146 26.54 -0.66 -5.81
CA LEU A 146 27.31 -0.64 -7.05
C LEU A 146 28.37 -1.72 -6.89
N ASN A 147 28.22 -2.82 -7.63
CA ASN A 147 28.63 -4.12 -7.13
C ASN A 147 29.99 -4.61 -7.59
N LYS A 148 30.57 -4.08 -8.66
CA LYS A 148 31.78 -4.69 -9.20
C LYS A 148 32.89 -3.68 -9.31
N GLN A 149 33.16 -2.99 -8.19
CA GLN A 149 34.12 -1.89 -8.18
C GLN A 149 35.50 -2.32 -8.67
N ASP A 150 35.91 -3.57 -8.42
CA ASP A 150 37.22 -3.99 -8.88
C ASP A 150 37.25 -4.20 -10.38
N LEU A 151 36.18 -4.80 -10.94
CA LEU A 151 36.09 -4.86 -12.39
C LEU A 151 36.03 -3.47 -13.01
N LEU A 152 35.38 -2.51 -12.33
CA LEU A 152 35.33 -1.16 -12.88
C LEU A 152 36.69 -0.50 -12.87
N ALA A 153 37.43 -0.64 -11.77
CA ALA A 153 38.79 -0.16 -11.72
C ALA A 153 39.62 -0.74 -12.85
N GLU A 154 39.56 -2.07 -13.03
CA GLU A 154 40.33 -2.70 -14.09
C GLU A 154 39.93 -2.17 -15.46
N LYS A 155 38.64 -2.12 -15.75
CA LYS A 155 38.17 -1.71 -17.07
C LYS A 155 38.53 -0.27 -17.39
N VAL A 156 38.43 0.62 -16.40
CA VAL A 156 38.69 2.03 -16.68
C VAL A 156 40.19 2.34 -16.66
N LEU A 157 40.99 1.56 -15.94
CA LEU A 157 42.43 1.72 -16.00
C LEU A 157 43.04 1.13 -17.25
N ALA A 158 42.42 0.09 -17.82
CA ALA A 158 42.85 -0.40 -19.12
C ALA A 158 42.80 0.71 -20.17
N GLY A 159 41.62 1.26 -20.40
CA GLY A 159 41.46 2.39 -21.30
C GLY A 159 40.77 2.09 -22.60
N LYS A 160 40.53 0.83 -22.92
CA LYS A 160 39.87 0.49 -24.18
C LYS A 160 38.40 0.83 -24.16
N SER A 161 37.80 0.98 -22.98
CA SER A 161 36.38 1.26 -22.84
C SER A 161 36.20 2.66 -22.27
N LYS A 162 35.48 3.52 -22.98
CA LYS A 162 35.31 4.91 -22.62
C LYS A 162 33.87 5.15 -22.18
N ILE A 163 33.70 5.68 -20.96
CA ILE A 163 32.36 5.92 -20.45
C ILE A 163 31.66 7.03 -21.21
N GLU A 164 32.40 7.84 -21.97
CA GLU A 164 31.78 8.93 -22.71
C GLU A 164 31.22 8.50 -24.06
N ASP A 165 31.38 7.22 -24.43
CA ASP A 165 30.66 6.69 -25.58
C ASP A 165 29.21 6.40 -25.24
N TYR A 166 28.96 5.88 -24.04
CA TYR A 166 27.61 5.58 -23.60
C TYR A 166 26.97 6.73 -22.83
N PHE A 167 27.76 7.58 -22.18
CA PHE A 167 27.26 8.75 -21.46
C PHE A 167 27.99 9.98 -21.97
N PRO A 168 27.42 10.71 -22.92
CA PRO A 168 28.15 11.83 -23.52
C PRO A 168 28.46 12.96 -22.56
N GLU A 169 27.80 13.03 -21.41
CA GLU A 169 28.04 14.07 -20.43
C GLU A 169 29.05 13.65 -19.37
N PHE A 170 29.93 12.70 -19.67
CA PHE A 170 31.03 12.37 -18.80
C PHE A 170 32.29 13.16 -19.14
N ALA A 171 32.28 13.89 -20.24
CA ALA A 171 33.40 14.76 -20.56
C ALA A 171 33.30 16.11 -19.85
N ARG A 172 32.15 16.41 -19.26
CA ARG A 172 31.97 17.66 -18.51
C ARG A 172 31.65 17.39 -17.05
N TYR A 173 32.17 16.31 -16.49
CA TYR A 173 31.94 15.94 -15.10
C TYR A 173 33.21 16.15 -14.30
N THR A 174 33.05 16.59 -13.06
CA THR A 174 34.18 16.84 -12.16
C THR A 174 33.91 16.14 -10.83
N THR A 175 34.91 15.41 -10.35
CA THR A 175 34.76 14.63 -9.13
C THR A 175 34.14 15.49 -8.04
N PRO A 176 33.19 14.95 -7.26
CA PRO A 176 32.59 15.74 -6.18
C PRO A 176 33.64 16.20 -5.18
N GLU A 177 33.38 17.35 -4.57
CA GLU A 177 34.29 17.84 -3.55
C GLU A 177 34.17 17.04 -2.26
N ASP A 178 32.95 16.64 -1.91
CA ASP A 178 32.71 15.80 -0.75
C ASP A 178 33.11 14.35 -0.98
N ALA A 179 33.64 14.03 -2.16
CA ALA A 179 34.06 12.67 -2.46
C ALA A 179 35.12 12.21 -1.49
N THR A 180 35.13 10.91 -1.19
CA THR A 180 36.11 10.29 -0.30
C THR A 180 36.87 9.22 -1.07
N PRO A 181 37.74 9.60 -1.99
CA PRO A 181 38.52 8.60 -2.73
C PRO A 181 39.38 7.78 -1.79
N GLU A 182 39.13 6.47 -1.78
CA GLU A 182 39.87 5.57 -0.92
C GLU A 182 41.37 5.74 -1.14
N PRO A 183 42.17 5.88 -0.10
CA PRO A 183 43.60 6.18 -0.28
C PRO A 183 44.30 5.06 -1.04
N GLY A 184 44.89 5.41 -2.17
CA GLY A 184 45.63 4.47 -2.99
C GLY A 184 45.12 4.31 -4.41
N GLU A 185 44.08 5.03 -4.81
CA GLU A 185 43.47 4.83 -6.12
C GLU A 185 43.68 6.05 -7.01
N ASP A 186 43.34 5.86 -8.29
CA ASP A 186 43.59 6.84 -9.33
C ASP A 186 42.52 7.92 -9.30
N PRO A 187 42.80 9.12 -9.82
CA PRO A 187 41.75 10.11 -10.03
C PRO A 187 40.83 9.81 -11.20
N ARG A 188 41.09 8.74 -11.96
CA ARG A 188 40.20 8.33 -13.03
C ARG A 188 39.17 7.33 -12.55
N VAL A 189 39.59 6.39 -11.69
CA VAL A 189 38.65 5.44 -11.11
C VAL A 189 37.64 6.15 -10.22
N THR A 190 38.08 7.17 -9.49
CA THR A 190 37.17 7.88 -8.61
C THR A 190 36.15 8.69 -9.39
N ARG A 191 36.61 9.40 -10.42
CA ARG A 191 35.69 10.11 -11.29
C ARG A 191 34.69 9.15 -11.94
N ALA A 192 35.16 7.98 -12.38
CA ALA A 192 34.27 6.97 -12.97
C ALA A 192 33.25 6.46 -11.97
N LYS A 193 33.68 6.05 -10.79
CA LYS A 193 32.76 5.61 -9.74
C LYS A 193 31.69 6.66 -9.50
N TYR A 194 32.11 7.88 -9.19
CA TYR A 194 31.16 8.87 -8.74
C TYR A 194 30.29 9.39 -9.86
N PHE A 195 30.69 9.27 -11.12
CA PHE A 195 29.77 9.64 -12.19
C PHE A 195 28.54 8.75 -12.20
N ILE A 196 28.75 7.44 -12.07
CA ILE A 196 27.64 6.50 -12.05
C ILE A 196 26.81 6.67 -10.78
N ARG A 197 27.48 6.80 -9.64
CA ARG A 197 26.75 7.03 -8.41
C ARG A 197 25.90 8.29 -8.51
N ASP A 198 26.42 9.34 -9.13
CA ASP A 198 25.67 10.58 -9.27
C ASP A 198 24.56 10.46 -10.30
N GLU A 199 24.72 9.61 -11.31
CA GLU A 199 23.61 9.34 -12.21
C GLU A 199 22.42 8.79 -11.47
N PHE A 200 22.67 7.77 -10.66
CA PHE A 200 21.58 7.19 -9.87
C PHE A 200 21.03 8.19 -8.86
N LEU A 201 21.92 8.96 -8.21
CA LEU A 201 21.49 9.93 -7.21
C LEU A 201 20.69 11.07 -7.83
N ARG A 202 20.99 11.47 -9.05
CA ARG A 202 20.18 12.53 -9.64
C ARG A 202 18.82 12.01 -10.05
N ILE A 203 18.74 10.76 -10.52
CA ILE A 203 17.41 10.17 -10.71
C ILE A 203 16.66 10.14 -9.38
N SER A 204 17.37 9.84 -8.30
CA SER A 204 16.77 9.84 -6.97
C SER A 204 16.18 11.19 -6.62
N THR A 205 17.03 12.22 -6.54
CA THR A 205 16.63 13.51 -6.02
C THR A 205 15.74 14.31 -6.97
N ALA A 206 15.65 13.93 -8.25
CA ALA A 206 14.78 14.68 -9.13
C ALA A 206 13.31 14.55 -8.77
N SER A 207 12.92 13.50 -8.05
CA SER A 207 11.51 13.32 -7.70
C SER A 207 11.25 12.91 -6.26
N GLY A 208 12.21 12.34 -5.54
CA GLY A 208 11.95 11.85 -4.20
C GLY A 208 11.75 12.95 -3.18
N ASP A 209 10.51 13.11 -2.72
CA ASP A 209 10.14 14.22 -1.83
C ASP A 209 10.15 13.76 -0.38
N GLY A 210 11.34 13.43 0.11
CA GLY A 210 11.56 13.17 1.52
C GLY A 210 10.95 11.91 2.06
N ARG A 211 10.00 11.29 1.36
CA ARG A 211 9.38 10.08 1.89
C ARG A 211 10.21 8.84 1.65
N HIS A 212 11.17 8.89 0.73
CA HIS A 212 12.08 7.79 0.51
C HIS A 212 13.40 8.33 0.02
N TYR A 213 14.47 7.58 0.28
CA TYR A 213 15.81 8.03 0.02
C TYR A 213 16.56 6.95 -0.75
N CYS A 214 17.76 7.28 -1.22
CA CYS A 214 18.64 6.32 -1.87
C CYS A 214 19.99 6.38 -1.17
N TYR A 215 20.52 5.22 -0.81
CA TYR A 215 21.73 5.11 0.00
C TYR A 215 22.79 4.35 -0.80
N PRO A 216 23.59 5.03 -1.61
CA PRO A 216 24.50 4.33 -2.51
C PRO A 216 25.74 3.83 -1.81
N HIS A 217 26.23 2.69 -2.28
CA HIS A 217 27.45 2.09 -1.75
C HIS A 217 28.30 1.59 -2.90
N PHE A 218 29.57 1.34 -2.60
CA PHE A 218 30.51 0.74 -3.53
C PHE A 218 30.93 -0.60 -2.96
N THR A 219 30.70 -1.66 -3.70
CA THR A 219 30.90 -3.02 -3.21
C THR A 219 31.77 -3.81 -4.17
N CYS A 220 32.58 -4.69 -3.62
CA CYS A 220 33.27 -5.71 -4.40
C CYS A 220 32.53 -7.03 -4.21
N ALA A 221 33.10 -8.11 -4.72
CA ALA A 221 32.53 -9.44 -4.50
C ALA A 221 33.07 -10.12 -3.25
N VAL A 222 33.98 -9.46 -2.53
CA VAL A 222 34.63 -10.04 -1.36
C VAL A 222 34.32 -9.21 -0.10
N ASP A 223 33.48 -8.20 -0.21
CA ASP A 223 33.14 -7.36 0.94
C ASP A 223 32.51 -8.21 2.04
N THR A 224 33.22 -8.38 3.14
CA THR A 224 32.74 -9.17 4.27
C THR A 224 31.96 -8.34 5.27
N GLU A 225 31.84 -7.03 5.04
CA GLU A 225 31.11 -6.15 5.95
C GLU A 225 29.95 -5.52 5.20
N ASN A 226 29.20 -6.34 4.49
CA ASN A 226 28.16 -5.89 3.58
C ASN A 226 26.76 -6.05 4.15
N ALA A 227 26.61 -6.79 5.25
CA ALA A 227 25.34 -6.90 5.93
C ALA A 227 25.22 -5.97 7.11
N ARG A 228 26.34 -5.38 7.54
CA ARG A 228 26.28 -4.28 8.48
C ARG A 228 25.84 -2.99 7.79
N ARG A 229 26.19 -2.82 6.53
CA ARG A 229 25.77 -1.66 5.75
C ARG A 229 24.30 -1.68 5.40
N ILE A 230 23.61 -2.80 5.62
CA ILE A 230 22.17 -2.87 5.40
C ILE A 230 21.51 -2.56 6.73
N PHE A 231 22.18 -2.96 7.81
CA PHE A 231 21.71 -2.62 9.15
C PHE A 231 21.75 -1.11 9.37
N ASN A 232 22.90 -0.49 9.10
CA ASN A 232 23.06 0.94 9.28
C ASN A 232 22.15 1.74 8.37
N ASP A 233 21.73 1.19 7.25
CA ASP A 233 20.87 1.95 6.35
C ASP A 233 19.40 1.73 6.65
N CYS A 234 19.02 0.54 7.12
CA CYS A 234 17.65 0.33 7.54
C CYS A 234 17.35 1.06 8.84
N ARG A 235 18.30 1.06 9.78
CA ARG A 235 18.13 1.84 11.00
C ARG A 235 17.89 3.31 10.69
N ASP A 236 18.62 3.85 9.71
CA ASP A 236 18.45 5.24 9.32
C ASP A 236 17.13 5.46 8.59
N ILE A 237 16.74 4.53 7.72
CA ILE A 237 15.46 4.61 7.03
C ILE A 237 14.32 4.70 8.04
N ILE A 238 14.36 3.82 9.04
CA ILE A 238 13.26 3.76 10.00
C ILE A 238 13.31 4.93 10.98
N GLN A 239 14.50 5.38 11.37
CA GLN A 239 14.60 6.55 12.22
C GLN A 239 14.08 7.79 11.51
N ARG A 240 14.37 7.95 10.23
CA ARG A 240 13.79 9.06 9.50
C ARG A 240 12.28 8.90 9.34
N MET A 241 11.80 7.66 9.25
CA MET A 241 10.36 7.44 9.22
C MET A 241 9.70 7.91 10.51
N HIS A 242 10.29 7.56 11.65
CA HIS A 242 9.75 8.01 12.93
C HIS A 242 9.83 9.52 13.07
N LEU A 243 11.01 10.10 12.88
CA LEU A 243 11.15 11.56 12.91
C LEU A 243 10.13 12.23 12.01
N ARG A 244 9.82 11.62 10.88
CA ARG A 244 8.91 12.27 9.94
C ARG A 244 7.46 12.12 10.34
N GLN A 245 7.10 11.06 11.08
CA GLN A 245 5.72 10.94 11.51
C GLN A 245 5.42 11.69 12.80
N TYR A 246 6.44 12.05 13.57
CA TYR A 246 6.29 12.89 14.75
C TYR A 246 6.30 14.37 14.41
N GLU A 247 6.15 14.73 13.14
CA GLU A 247 6.29 16.11 12.68
C GLU A 247 7.55 16.73 13.25
N LEU A 248 8.68 16.07 13.01
CA LEU A 248 9.91 16.37 13.72
C LEU A 248 11.14 16.38 12.83
N LEU A 249 10.98 16.35 11.51
CA LEU A 249 12.14 16.33 10.62
C LEU A 249 12.47 17.72 10.11
N GLN B 12 10.35 -15.79 -44.03
CA GLN B 12 10.61 -14.60 -44.84
C GLN B 12 9.33 -14.10 -45.50
N SER B 13 9.02 -14.65 -46.67
CA SER B 13 7.81 -14.24 -47.39
C SER B 13 6.57 -14.96 -46.90
N GLU B 14 6.72 -16.21 -46.44
CA GLU B 14 5.56 -16.96 -45.97
C GLU B 14 5.03 -16.38 -44.67
N LEU B 15 5.91 -15.88 -43.81
CA LEU B 15 5.47 -15.22 -42.58
C LEU B 15 4.65 -13.97 -42.89
N ASP B 16 5.13 -13.14 -43.81
CA ASP B 16 4.36 -11.94 -44.18
C ASP B 16 3.06 -12.31 -44.87
N GLN B 17 3.06 -13.37 -45.68
CA GLN B 17 1.82 -13.80 -46.32
C GLN B 17 0.79 -14.25 -45.31
N LEU B 18 1.20 -15.09 -44.35
CA LEU B 18 0.26 -15.54 -43.32
C LEU B 18 -0.16 -14.39 -42.42
N ARG B 19 0.71 -13.42 -42.18
CA ARG B 19 0.32 -12.25 -41.41
C ARG B 19 -0.69 -11.39 -42.16
N GLN B 20 -0.54 -11.27 -43.48
CA GLN B 20 -1.53 -10.56 -44.28
C GLN B 20 -2.87 -11.27 -44.27
N GLU B 21 -2.85 -12.60 -44.35
CA GLU B 21 -4.10 -13.36 -44.25
C GLU B 21 -4.73 -13.19 -42.87
N ALA B 22 -3.92 -13.19 -41.81
CA ALA B 22 -4.46 -13.02 -40.47
C ALA B 22 -5.04 -11.63 -40.29
N GLU B 23 -4.43 -10.61 -40.91
CA GLU B 23 -5.00 -9.27 -40.84
C GLU B 23 -6.32 -9.17 -41.60
N GLN B 24 -6.40 -9.78 -42.78
CA GLN B 24 -7.66 -9.78 -43.51
C GLN B 24 -8.74 -10.56 -42.76
N LEU B 25 -8.35 -11.64 -42.08
CA LEU B 25 -9.31 -12.43 -41.32
C LEU B 25 -9.77 -11.69 -40.07
N LYS B 26 -8.87 -10.95 -39.41
CA LYS B 26 -9.28 -10.11 -38.30
C LYS B 26 -10.20 -9.00 -38.77
N ASN B 27 -9.97 -8.46 -39.96
CA ASN B 27 -10.90 -7.50 -40.52
C ASN B 27 -12.26 -8.14 -40.80
N GLN B 28 -12.29 -9.39 -41.25
CA GLN B 28 -13.56 -10.07 -41.43
C GLN B 28 -14.27 -10.26 -40.10
N ILE B 29 -13.54 -10.64 -39.05
CA ILE B 29 -14.14 -10.78 -37.73
C ILE B 29 -14.72 -9.45 -37.26
N ARG B 30 -13.95 -8.37 -37.42
CA ARG B 30 -14.45 -7.06 -37.04
C ARG B 30 -15.69 -6.68 -37.83
N ASP B 31 -15.73 -6.99 -39.12
CA ASP B 31 -16.90 -6.64 -39.91
C ASP B 31 -18.10 -7.52 -39.58
N ALA B 32 -17.86 -8.73 -39.09
CA ALA B 32 -18.96 -9.57 -38.61
C ALA B 32 -19.48 -9.09 -37.27
N ARG B 33 -18.61 -8.46 -36.46
CA ARG B 33 -19.03 -7.89 -35.19
C ARG B 33 -19.68 -6.53 -35.32
N LYS B 34 -19.34 -5.77 -36.36
CA LYS B 34 -19.96 -4.46 -36.56
C LYS B 34 -21.24 -4.55 -37.39
N ALA B 35 -21.49 -5.69 -38.03
CA ALA B 35 -22.75 -5.89 -38.72
C ALA B 35 -23.86 -6.25 -37.75
N CYS B 36 -23.55 -7.01 -36.70
CA CYS B 36 -24.52 -7.41 -35.70
C CYS B 36 -24.65 -6.38 -34.58
N ALA B 37 -24.25 -5.14 -34.82
CA ALA B 37 -24.41 -4.05 -33.86
C ALA B 37 -25.68 -3.31 -34.23
N ASP B 38 -26.83 -3.82 -33.75
CA ASP B 38 -28.10 -3.19 -34.05
C ASP B 38 -28.27 -1.89 -33.26
N ALA B 39 -28.25 -1.99 -31.94
CA ALA B 39 -28.43 -0.84 -31.07
C ALA B 39 -27.76 -1.13 -29.73
N THR B 40 -27.21 -0.08 -29.13
CA THR B 40 -26.43 -0.24 -27.91
C THR B 40 -27.33 -0.50 -26.70
N LEU B 41 -26.74 -1.13 -25.68
CA LEU B 41 -27.50 -1.46 -24.47
C LEU B 41 -28.09 -0.22 -23.81
N SER B 42 -27.40 0.92 -23.91
CA SER B 42 -27.94 2.13 -23.29
C SER B 42 -29.24 2.58 -23.96
N GLN B 43 -29.43 2.24 -25.23
CA GLN B 43 -30.68 2.58 -25.91
C GLN B 43 -31.82 1.66 -25.48
N ILE B 44 -31.53 0.39 -25.23
CA ILE B 44 -32.57 -0.53 -24.76
C ILE B 44 -32.93 -0.22 -23.31
N THR B 45 -31.99 0.31 -22.54
CA THR B 45 -32.22 0.56 -21.13
C THR B 45 -32.66 2.00 -20.84
N ASN B 46 -32.83 2.83 -21.87
CA ASN B 46 -33.29 4.19 -21.63
C ASN B 46 -34.70 4.25 -21.03
N ASN B 47 -35.47 3.17 -21.13
CA ASN B 47 -36.86 3.18 -20.69
C ASN B 47 -37.07 2.47 -19.36
N ILE B 48 -36.02 2.02 -18.71
CA ILE B 48 -36.16 1.33 -17.43
C ILE B 48 -35.86 2.32 -16.32
N ASP B 49 -36.42 2.07 -15.15
CA ASP B 49 -36.24 2.98 -14.02
C ASP B 49 -34.82 2.88 -13.48
N PRO B 50 -34.28 3.98 -12.98
CA PRO B 50 -32.94 3.92 -12.36
C PRO B 50 -32.96 3.05 -11.12
N VAL B 51 -31.76 2.75 -10.63
CA VAL B 51 -31.62 1.80 -9.54
C VAL B 51 -31.83 2.46 -8.18
N GLY B 52 -31.62 3.77 -8.07
CA GLY B 52 -31.75 4.48 -6.81
C GLY B 52 -30.42 5.08 -6.37
N ARG B 53 -30.19 5.06 -5.06
CA ARG B 53 -28.90 5.47 -4.48
C ARG B 53 -28.57 4.45 -3.41
N ILE B 54 -27.86 3.39 -3.80
CA ILE B 54 -27.55 2.30 -2.91
C ILE B 54 -26.56 2.77 -1.85
N GLN B 55 -26.99 2.78 -0.60
CA GLN B 55 -26.18 3.24 0.52
C GLN B 55 -25.96 2.06 1.46
N MET B 56 -24.85 1.36 1.26
CA MET B 56 -24.48 0.23 2.10
C MET B 56 -23.63 0.70 3.26
N ARG B 57 -23.76 0.04 4.40
CA ARG B 57 -23.02 0.41 5.58
C ARG B 57 -22.27 -0.80 6.12
N THR B 58 -21.13 -0.53 6.75
CA THR B 58 -20.24 -1.58 7.21
C THR B 58 -20.88 -2.34 8.36
N ARG B 59 -21.46 -3.50 8.06
CA ARG B 59 -22.12 -4.29 9.08
C ARG B 59 -21.15 -5.09 9.93
N ARG B 60 -19.97 -5.39 9.40
CA ARG B 60 -18.92 -6.07 10.15
C ARG B 60 -17.57 -5.52 9.72
N THR B 61 -16.63 -5.50 10.65
CA THR B 61 -15.23 -5.18 10.33
C THR B 61 -14.37 -6.29 10.91
N LEU B 62 -13.85 -7.13 10.03
CA LEU B 62 -13.06 -8.28 10.43
C LEU B 62 -11.60 -7.86 10.46
N ARG B 63 -10.97 -7.96 11.64
CA ARG B 63 -9.63 -7.42 11.85
C ARG B 63 -8.78 -8.44 12.61
N GLY B 64 -8.00 -9.22 11.88
CA GLY B 64 -7.01 -10.07 12.51
C GLY B 64 -5.74 -10.20 11.71
N HIS B 65 -5.68 -9.58 10.54
CA HIS B 65 -4.57 -9.75 9.61
C HIS B 65 -3.49 -8.72 9.89
N LEU B 66 -2.24 -9.15 9.76
CA LEU B 66 -1.09 -8.31 10.04
C LEU B 66 -0.74 -7.39 8.88
N ALA B 67 -0.82 -7.89 7.65
CA ALA B 67 -0.39 -7.15 6.48
C ALA B 67 -1.52 -7.13 5.46
N LYS B 68 -1.24 -6.54 4.30
CA LYS B 68 -2.27 -6.25 3.32
C LYS B 68 -3.02 -7.51 2.92
N ILE B 69 -4.33 -7.40 2.79
CA ILE B 69 -5.16 -8.52 2.38
C ILE B 69 -5.19 -8.54 0.87
N TYR B 70 -4.84 -9.69 0.29
CA TYR B 70 -4.64 -9.72 -1.15
C TYR B 70 -5.76 -10.42 -1.91
N ALA B 71 -6.54 -11.28 -1.24
CA ALA B 71 -7.68 -11.93 -1.84
C ALA B 71 -8.56 -12.53 -0.76
N MET B 72 -9.85 -12.66 -1.05
CA MET B 72 -10.81 -13.34 -0.19
C MET B 72 -11.77 -14.14 -1.04
N HIS B 73 -12.47 -15.08 -0.39
CA HIS B 73 -13.47 -15.88 -1.08
C HIS B 73 -14.52 -16.34 -0.09
N TRP B 74 -15.78 -16.29 -0.52
CA TRP B 74 -16.92 -16.69 0.29
C TRP B 74 -17.18 -18.18 0.18
N GLY B 75 -17.54 -18.78 1.30
CA GLY B 75 -18.12 -20.10 1.25
C GLY B 75 -19.47 -20.08 0.56
N THR B 76 -19.92 -21.25 0.13
CA THR B 76 -21.21 -21.34 -0.53
C THR B 76 -22.37 -21.26 0.44
N ASP B 77 -22.13 -21.36 1.74
CA ASP B 77 -23.17 -21.13 2.73
C ASP B 77 -23.38 -19.66 3.01
N SER B 78 -22.62 -18.78 2.37
CA SER B 78 -22.74 -17.33 2.54
C SER B 78 -22.49 -16.91 3.98
N ARG B 79 -21.79 -17.73 4.72
CA ARG B 79 -21.49 -17.36 6.11
C ARG B 79 -20.00 -17.39 6.41
N LEU B 80 -19.28 -18.40 5.95
CA LEU B 80 -17.86 -18.52 6.18
C LEU B 80 -17.11 -17.98 4.98
N LEU B 81 -16.04 -17.23 5.25
CA LEU B 81 -15.20 -16.74 4.19
C LEU B 81 -13.75 -16.93 4.57
N VAL B 82 -12.89 -16.97 3.57
CA VAL B 82 -11.46 -17.14 3.76
C VAL B 82 -10.76 -15.92 3.20
N SER B 83 -9.68 -15.50 3.84
CA SER B 83 -8.93 -14.35 3.40
C SER B 83 -7.44 -14.63 3.54
N ALA B 84 -6.66 -14.07 2.62
CA ALA B 84 -5.22 -14.26 2.57
C ALA B 84 -4.52 -12.91 2.68
N SER B 85 -3.52 -12.83 3.53
CA SER B 85 -2.72 -11.63 3.65
C SER B 85 -1.25 -11.96 3.45
N GLN B 86 -0.47 -10.94 3.15
CA GLN B 86 0.93 -11.11 2.80
C GLN B 86 1.84 -11.36 3.99
N ASP B 87 1.30 -11.60 5.18
CA ASP B 87 2.10 -12.07 6.30
C ASP B 87 2.15 -13.58 6.38
N GLY B 88 1.51 -14.26 5.44
CA GLY B 88 1.49 -15.70 5.44
C GLY B 88 0.46 -16.26 6.39
N LYS B 89 -0.78 -15.80 6.27
CA LYS B 89 -1.87 -16.30 7.08
C LYS B 89 -3.10 -16.43 6.20
N LEU B 90 -3.81 -17.53 6.36
CA LEU B 90 -5.04 -17.78 5.64
C LEU B 90 -6.08 -18.01 6.72
N ILE B 91 -6.91 -17.00 6.99
CA ILE B 91 -7.85 -17.03 8.10
C ILE B 91 -9.24 -17.31 7.57
N ILE B 92 -9.99 -18.13 8.27
CA ILE B 92 -11.37 -18.46 7.90
C ILE B 92 -12.28 -17.84 8.97
N TRP B 93 -13.03 -16.84 8.59
CA TRP B 93 -13.89 -16.12 9.50
C TRP B 93 -15.30 -16.68 9.48
N ASP B 94 -16.01 -16.45 10.56
CA ASP B 94 -17.46 -16.62 10.60
C ASP B 94 -18.05 -15.23 10.46
N SER B 95 -18.55 -14.91 9.27
CA SER B 95 -18.95 -13.55 9.01
C SER B 95 -20.19 -13.13 9.77
N TYR B 96 -20.93 -14.07 10.37
CA TYR B 96 -22.07 -13.71 11.20
C TYR B 96 -21.62 -13.29 12.59
N THR B 97 -20.72 -14.06 13.20
CA THR B 97 -20.26 -13.78 14.55
C THR B 97 -18.87 -13.15 14.59
N THR B 98 -18.20 -12.99 13.45
CA THR B 98 -16.88 -12.37 13.37
C THR B 98 -15.86 -13.13 14.21
N ASN B 99 -16.10 -14.42 14.40
CA ASN B 99 -15.10 -15.32 14.97
C ASN B 99 -14.31 -15.91 13.83
N LYS B 100 -13.04 -16.21 14.09
CA LYS B 100 -12.19 -16.84 13.10
C LYS B 100 -12.09 -18.33 13.42
N VAL B 101 -12.59 -19.16 12.50
CA VAL B 101 -12.65 -20.59 12.73
C VAL B 101 -11.26 -21.21 12.70
N HIS B 102 -10.45 -20.86 11.69
CA HIS B 102 -9.10 -21.37 11.53
C HIS B 102 -8.18 -20.22 11.19
N ALA B 103 -6.89 -20.44 11.46
CA ALA B 103 -5.84 -19.50 11.05
C ALA B 103 -4.69 -20.35 10.54
N ILE B 104 -4.58 -20.45 9.21
CA ILE B 104 -3.72 -21.43 8.56
C ILE B 104 -2.39 -20.75 8.26
N PRO B 105 -1.30 -21.13 8.94
CA PRO B 105 0.00 -20.47 8.70
C PRO B 105 0.65 -21.03 7.44
N LEU B 106 0.70 -20.21 6.39
CA LEU B 106 1.23 -20.64 5.11
C LEU B 106 2.71 -20.93 5.20
N ARG B 107 3.28 -21.40 4.10
CA ARG B 107 4.71 -21.66 4.01
C ARG B 107 5.45 -20.50 3.35
N SER B 108 4.84 -19.90 2.34
CA SER B 108 5.37 -18.71 1.68
C SER B 108 4.45 -17.54 1.96
N SER B 109 5.02 -16.44 2.46
CA SER B 109 4.22 -15.26 2.80
C SER B 109 3.45 -14.74 1.60
N TRP B 110 4.11 -14.63 0.45
CA TRP B 110 3.58 -13.88 -0.69
C TRP B 110 2.48 -14.68 -1.34
N VAL B 111 1.29 -14.62 -0.75
CA VAL B 111 0.09 -15.28 -1.23
C VAL B 111 -0.76 -14.25 -1.96
N MET B 112 -0.99 -14.50 -3.25
CA MET B 112 -1.72 -13.56 -4.09
C MET B 112 -3.14 -13.97 -4.39
N THR B 113 -3.60 -15.12 -3.88
CA THR B 113 -4.95 -15.56 -4.16
C THR B 113 -5.34 -16.64 -3.15
N CYS B 114 -6.64 -16.94 -3.15
CA CYS B 114 -7.18 -18.00 -2.30
C CYS B 114 -8.56 -18.37 -2.82
N ALA B 115 -8.99 -19.57 -2.46
CA ALA B 115 -10.30 -20.05 -2.84
C ALA B 115 -10.86 -20.92 -1.73
N TYR B 116 -12.15 -21.19 -1.80
CA TYR B 116 -12.85 -21.96 -0.80
C TYR B 116 -13.66 -23.00 -1.56
N ALA B 117 -13.42 -24.28 -1.27
CA ALA B 117 -14.04 -25.34 -2.04
C ALA B 117 -15.55 -25.18 -2.06
N PRO B 118 -16.20 -25.36 -3.22
CA PRO B 118 -17.64 -25.11 -3.30
C PRO B 118 -18.47 -26.05 -2.47
N SER B 119 -17.85 -27.01 -1.78
CA SER B 119 -18.49 -27.80 -0.75
C SER B 119 -18.17 -27.30 0.64
N GLY B 120 -16.97 -26.77 0.83
CA GLY B 120 -16.52 -26.28 2.12
C GLY B 120 -15.46 -27.13 2.77
N ASN B 121 -15.00 -28.19 2.12
CA ASN B 121 -14.08 -29.10 2.76
C ASN B 121 -12.64 -28.61 2.66
N TYR B 122 -12.22 -28.13 1.49
CA TYR B 122 -10.84 -27.75 1.25
C TYR B 122 -10.72 -26.27 0.99
N VAL B 123 -9.51 -25.77 1.16
CA VAL B 123 -9.14 -24.39 0.88
C VAL B 123 -7.81 -24.39 0.15
N ALA B 124 -7.74 -23.65 -0.95
CA ALA B 124 -6.51 -23.50 -1.72
C ALA B 124 -5.99 -22.08 -1.64
N CYS B 125 -4.68 -21.94 -1.68
CA CYS B 125 -4.02 -20.63 -1.77
C CYS B 125 -2.87 -20.77 -2.75
N GLY B 126 -2.02 -19.74 -2.82
CA GLY B 126 -0.87 -19.82 -3.69
C GLY B 126 -0.49 -18.50 -4.33
N GLY B 127 0.79 -18.15 -4.24
CA GLY B 127 1.24 -16.84 -4.65
C GLY B 127 2.50 -16.83 -5.49
N LEU B 128 3.55 -16.17 -5.00
CA LEU B 128 4.79 -16.02 -5.74
C LEU B 128 5.67 -17.25 -5.71
N ASP B 129 5.28 -18.32 -5.04
CA ASP B 129 6.07 -19.55 -5.05
C ASP B 129 5.63 -20.51 -6.14
N ASN B 130 4.76 -20.06 -7.05
CA ASN B 130 4.43 -20.77 -8.28
C ASN B 130 3.62 -22.04 -8.08
N ILE B 131 3.34 -22.40 -6.83
CA ILE B 131 2.56 -23.59 -6.54
C ILE B 131 1.20 -23.16 -5.99
N CYS B 132 0.26 -24.09 -6.04
CA CYS B 132 -1.09 -23.89 -5.52
C CYS B 132 -1.29 -24.91 -4.40
N SER B 133 -1.08 -24.50 -3.16
CA SER B 133 -1.26 -25.40 -2.04
C SER B 133 -2.75 -25.61 -1.79
N ILE B 134 -3.11 -26.79 -1.31
CA ILE B 134 -4.49 -27.12 -1.04
C ILE B 134 -4.59 -27.72 0.35
N TYR B 135 -5.43 -27.14 1.19
CA TYR B 135 -5.48 -27.43 2.61
C TYR B 135 -6.73 -28.22 2.94
N ASN B 136 -6.59 -29.18 3.84
CA ASN B 136 -7.68 -30.05 4.25
C ASN B 136 -8.24 -29.51 5.56
N LEU B 137 -9.46 -28.98 5.53
CA LEU B 137 -10.02 -28.36 6.73
C LEU B 137 -10.64 -29.37 7.67
N LYS B 138 -11.50 -30.25 7.15
CA LYS B 138 -12.22 -31.22 7.98
C LYS B 138 -11.45 -32.53 7.99
N THR B 139 -10.38 -32.56 8.78
CA THR B 139 -9.59 -33.76 8.97
C THR B 139 -10.11 -34.55 10.18
N ARG B 140 -9.81 -35.86 10.17
CA ARG B 140 -10.32 -36.74 11.22
C ARG B 140 -9.66 -36.47 12.57
N GLU B 141 -8.54 -35.77 12.60
CA GLU B 141 -7.88 -35.40 13.85
C GLU B 141 -8.21 -33.99 14.29
N GLY B 142 -8.85 -33.19 13.46
CA GLY B 142 -9.19 -31.82 13.79
C GLY B 142 -8.14 -30.80 13.43
N ASN B 143 -7.08 -31.18 12.72
CA ASN B 143 -5.98 -30.30 12.38
C ASN B 143 -6.05 -29.93 10.90
N VAL B 144 -5.58 -28.75 10.58
CA VAL B 144 -5.59 -28.23 9.22
C VAL B 144 -4.20 -28.48 8.62
N ARG B 145 -4.08 -29.49 7.77
CA ARG B 145 -2.84 -29.85 7.13
C ARG B 145 -2.93 -29.62 5.63
N VAL B 146 -1.79 -29.70 4.96
CA VAL B 146 -1.73 -29.48 3.52
C VAL B 146 -2.08 -30.78 2.81
N SER B 147 -3.05 -30.72 1.90
CA SER B 147 -3.48 -31.91 1.19
C SER B 147 -2.63 -32.17 -0.06
N ARG B 148 -2.36 -31.12 -0.83
CA ARG B 148 -1.55 -31.25 -2.04
C ARG B 148 -0.77 -29.97 -2.25
N GLU B 149 0.15 -30.01 -3.21
CA GLU B 149 0.91 -28.85 -3.65
C GLU B 149 1.10 -28.97 -5.14
N LEU B 150 0.25 -28.32 -5.91
CA LEU B 150 0.29 -28.41 -7.36
C LEU B 150 1.40 -27.51 -7.89
N ALA B 151 2.48 -28.11 -8.37
CA ALA B 151 3.72 -27.39 -8.59
C ALA B 151 4.19 -27.43 -10.04
N GLY B 152 3.31 -27.13 -10.99
CA GLY B 152 3.70 -27.17 -12.38
C GLY B 152 3.82 -25.83 -13.08
N HIS B 153 3.46 -24.74 -12.40
CA HIS B 153 3.49 -23.42 -13.01
C HIS B 153 4.89 -22.83 -12.94
N THR B 154 5.18 -21.95 -13.90
CA THR B 154 6.48 -21.28 -13.99
C THR B 154 6.24 -19.77 -13.93
N GLY B 155 6.15 -19.25 -12.72
CA GLY B 155 5.69 -17.89 -12.49
C GLY B 155 4.63 -17.86 -11.41
N TYR B 156 4.42 -16.66 -10.88
CA TYR B 156 3.49 -16.52 -9.78
C TYR B 156 2.10 -16.99 -10.19
N LEU B 157 1.26 -17.19 -9.19
CA LEU B 157 -0.06 -17.79 -9.36
C LEU B 157 -1.09 -16.74 -8.96
N SER B 158 -1.84 -16.27 -9.94
CA SER B 158 -2.64 -15.06 -9.72
C SER B 158 -4.12 -15.32 -9.51
N CYS B 159 -4.57 -16.57 -9.57
CA CYS B 159 -5.94 -16.93 -9.21
C CYS B 159 -6.03 -18.45 -9.15
N CYS B 160 -7.05 -18.93 -8.45
CA CYS B 160 -7.31 -20.36 -8.36
C CYS B 160 -8.76 -20.54 -7.90
N ARG B 161 -9.54 -21.27 -8.68
CA ARG B 161 -10.95 -21.43 -8.40
C ARG B 161 -11.29 -22.91 -8.39
N PHE B 162 -11.68 -23.43 -7.22
CA PHE B 162 -12.15 -24.81 -7.15
C PHE B 162 -13.32 -25.04 -8.08
N LEU B 163 -13.37 -26.25 -8.61
CA LEU B 163 -14.44 -26.67 -9.50
C LEU B 163 -15.11 -27.93 -8.99
N ASP B 164 -14.42 -28.73 -8.19
CA ASP B 164 -14.94 -29.84 -7.41
C ASP B 164 -14.10 -29.90 -6.15
N ASP B 165 -14.18 -31.01 -5.43
CA ASP B 165 -13.21 -31.28 -4.39
C ASP B 165 -11.92 -31.85 -4.96
N ASN B 166 -11.84 -31.99 -6.28
CA ASN B 166 -10.75 -32.69 -6.93
C ASN B 166 -10.15 -31.95 -8.12
N GLN B 167 -10.76 -30.87 -8.60
CA GLN B 167 -10.50 -30.38 -9.95
C GLN B 167 -10.34 -28.86 -10.00
N ILE B 168 -9.44 -28.33 -9.17
CA ILE B 168 -9.17 -26.88 -9.18
C ILE B 168 -8.60 -26.44 -10.52
N VAL B 169 -8.91 -25.19 -10.90
CA VAL B 169 -8.34 -24.56 -12.09
C VAL B 169 -7.57 -23.32 -11.63
N THR B 170 -6.49 -23.00 -12.34
CA THR B 170 -5.47 -22.12 -11.80
C THR B 170 -4.91 -21.19 -12.87
N SER B 171 -4.83 -19.90 -12.53
CA SER B 171 -4.22 -18.87 -13.36
C SER B 171 -2.82 -18.58 -12.86
N SER B 172 -1.95 -18.14 -13.76
CA SER B 172 -0.54 -18.00 -13.43
C SER B 172 0.03 -16.72 -14.01
N GLY B 173 1.25 -16.42 -13.62
CA GLY B 173 1.92 -15.27 -14.18
C GLY B 173 2.87 -15.64 -15.30
N ASP B 174 2.45 -16.58 -16.15
CA ASP B 174 3.22 -17.00 -17.30
C ASP B 174 2.31 -17.25 -18.49
N THR B 175 1.20 -16.53 -18.53
CA THR B 175 0.23 -16.56 -19.63
C THR B 175 -0.50 -17.89 -19.74
N THR B 176 -0.44 -18.73 -18.71
CA THR B 176 -0.97 -20.09 -18.79
C THR B 176 -1.97 -20.32 -17.67
N CYS B 177 -3.21 -20.64 -18.05
CA CYS B 177 -4.17 -21.24 -17.13
C CYS B 177 -4.07 -22.75 -17.23
N ALA B 178 -4.19 -23.42 -16.09
CA ALA B 178 -3.97 -24.87 -16.04
C ALA B 178 -5.00 -25.52 -15.16
N LEU B 179 -5.84 -26.37 -15.74
CA LEU B 179 -6.79 -27.17 -14.99
C LEU B 179 -6.08 -28.36 -14.38
N TRP B 180 -6.17 -28.50 -13.06
CA TRP B 180 -5.43 -29.51 -12.34
C TRP B 180 -6.33 -30.68 -11.99
N ASP B 181 -5.77 -31.61 -11.22
CA ASP B 181 -6.49 -32.80 -10.76
C ASP B 181 -5.92 -33.10 -9.38
N ILE B 182 -6.59 -32.62 -8.34
CA ILE B 182 -6.03 -32.59 -7.01
C ILE B 182 -5.74 -33.98 -6.46
N GLU B 183 -6.39 -35.01 -6.99
CA GLU B 183 -6.16 -36.36 -6.50
C GLU B 183 -4.73 -36.80 -6.76
N THR B 184 -4.32 -36.83 -8.03
CA THR B 184 -2.98 -37.29 -8.37
C THR B 184 -1.95 -36.17 -8.27
N GLY B 185 -2.35 -34.94 -8.58
CA GLY B 185 -1.49 -33.79 -8.39
C GLY B 185 -0.83 -33.23 -9.63
N GLN B 186 -1.37 -33.48 -10.82
CA GLN B 186 -0.76 -33.02 -12.06
C GLN B 186 -1.84 -32.52 -13.00
N GLN B 187 -1.49 -31.54 -13.81
CA GLN B 187 -2.48 -30.75 -14.54
C GLN B 187 -3.07 -31.55 -15.69
N THR B 188 -4.41 -31.66 -15.69
CA THR B 188 -5.13 -32.41 -16.70
C THR B 188 -5.10 -31.69 -18.05
N THR B 189 -5.13 -30.36 -18.04
CA THR B 189 -5.18 -29.57 -19.24
C THR B 189 -4.31 -28.35 -19.04
N THR B 190 -4.00 -27.65 -20.13
CA THR B 190 -3.25 -26.40 -20.09
C THR B 190 -3.79 -25.48 -21.16
N PHE B 191 -4.23 -24.30 -20.76
CA PHE B 191 -4.85 -23.33 -21.65
C PHE B 191 -3.82 -22.25 -21.97
N THR B 192 -3.40 -22.18 -23.22
CA THR B 192 -2.45 -21.18 -23.67
C THR B 192 -3.08 -20.31 -24.73
N GLY B 193 -2.54 -19.10 -24.89
CA GLY B 193 -3.10 -18.16 -25.84
C GLY B 193 -3.01 -16.73 -25.38
N HIS B 194 -2.81 -16.50 -24.09
CA HIS B 194 -2.59 -15.15 -23.62
C HIS B 194 -1.16 -14.72 -23.89
N THR B 195 -0.97 -13.42 -24.08
CA THR B 195 0.33 -12.83 -24.35
C THR B 195 1.08 -12.43 -23.09
N GLY B 196 0.39 -11.88 -22.08
CA GLY B 196 1.04 -11.46 -20.86
C GLY B 196 0.49 -12.14 -19.64
N ASP B 197 0.98 -11.75 -18.46
CA ASP B 197 0.47 -12.26 -17.19
C ASP B 197 -1.04 -12.37 -17.23
N VAL B 198 -1.56 -13.53 -16.85
CA VAL B 198 -3.01 -13.69 -16.75
C VAL B 198 -3.42 -13.51 -15.29
N MET B 199 -4.33 -12.58 -15.05
CA MET B 199 -4.51 -11.95 -13.75
C MET B 199 -5.69 -12.50 -12.95
N SER B 200 -6.78 -12.86 -13.59
CA SER B 200 -7.90 -13.42 -12.87
C SER B 200 -8.79 -14.21 -13.81
N LEU B 201 -9.45 -15.22 -13.26
CA LEU B 201 -10.41 -16.04 -13.99
C LEU B 201 -11.70 -16.11 -13.20
N SER B 202 -12.77 -16.56 -13.85
CA SER B 202 -14.06 -16.68 -13.19
C SER B 202 -14.86 -17.78 -13.86
N LEU B 203 -15.10 -18.87 -13.15
CA LEU B 203 -15.86 -19.98 -13.70
C LEU B 203 -17.30 -19.58 -14.00
N ALA B 204 -17.84 -20.13 -15.08
CA ALA B 204 -19.26 -19.98 -15.34
C ALA B 204 -20.04 -20.69 -14.24
N PRO B 205 -21.28 -20.27 -13.99
CA PRO B 205 -22.06 -20.91 -12.93
C PRO B 205 -22.24 -22.41 -13.12
N ASP B 206 -22.14 -22.92 -14.35
CA ASP B 206 -22.20 -24.35 -14.59
C ASP B 206 -20.82 -25.00 -14.67
N THR B 207 -19.75 -24.21 -14.73
CA THR B 207 -18.36 -24.68 -14.76
C THR B 207 -18.08 -25.53 -16.01
N ARG B 208 -18.83 -25.31 -17.07
CA ARG B 208 -18.52 -25.91 -18.35
C ARG B 208 -17.54 -25.07 -19.16
N LEU B 209 -17.29 -23.84 -18.74
CA LEU B 209 -16.31 -22.95 -19.37
C LEU B 209 -16.04 -21.80 -18.41
N PHE B 210 -15.00 -21.03 -18.72
CA PHE B 210 -14.63 -19.91 -17.87
C PHE B 210 -13.94 -18.84 -18.71
N VAL B 211 -13.75 -17.68 -18.12
CA VAL B 211 -13.08 -16.57 -18.76
C VAL B 211 -11.81 -16.27 -17.99
N SER B 212 -10.92 -15.53 -18.64
CA SER B 212 -9.60 -15.27 -18.07
C SER B 212 -9.14 -13.91 -18.59
N GLY B 213 -8.67 -13.07 -17.70
CA GLY B 213 -8.19 -11.74 -18.06
C GLY B 213 -6.70 -11.66 -17.87
N ALA B 214 -6.01 -11.05 -18.83
CA ALA B 214 -4.56 -11.08 -18.85
C ALA B 214 -4.02 -9.67 -19.00
N CYS B 215 -2.74 -9.53 -18.67
CA CYS B 215 -2.05 -8.24 -18.80
C CYS B 215 -1.65 -7.98 -20.24
N ASP B 216 -2.59 -8.14 -21.15
CA ASP B 216 -2.39 -7.74 -22.54
C ASP B 216 -3.65 -7.13 -23.11
N ALA B 217 -4.54 -6.65 -22.25
CA ALA B 217 -5.76 -5.95 -22.63
C ALA B 217 -6.70 -6.84 -23.43
N SER B 218 -6.91 -8.06 -22.96
CA SER B 218 -7.74 -9.02 -23.67
C SER B 218 -8.20 -10.10 -22.71
N ALA B 219 -9.42 -10.58 -22.91
CA ALA B 219 -9.94 -11.72 -22.17
C ALA B 219 -10.34 -12.81 -23.15
N LYS B 220 -10.29 -14.05 -22.68
CA LYS B 220 -10.54 -15.21 -23.52
C LYS B 220 -11.52 -16.14 -22.81
N LEU B 221 -12.34 -16.82 -23.59
CA LEU B 221 -13.33 -17.76 -23.09
C LEU B 221 -12.83 -19.19 -23.33
N TRP B 222 -12.60 -19.93 -22.26
CA TRP B 222 -11.98 -21.24 -22.34
C TRP B 222 -13.00 -22.34 -22.11
N ASP B 223 -13.13 -23.24 -23.08
CA ASP B 223 -13.86 -24.49 -22.85
C ASP B 223 -13.06 -25.38 -21.92
N VAL B 224 -13.68 -25.83 -20.83
CA VAL B 224 -12.92 -26.59 -19.84
C VAL B 224 -12.70 -28.02 -20.30
N ARG B 225 -13.66 -28.59 -21.03
CA ARG B 225 -13.51 -29.96 -21.52
C ARG B 225 -12.50 -30.01 -22.67
N GLU B 226 -12.73 -29.22 -23.71
CA GLU B 226 -11.86 -29.25 -24.89
C GLU B 226 -10.53 -28.53 -24.68
N GLY B 227 -10.36 -27.84 -23.57
CA GLY B 227 -9.10 -27.19 -23.28
C GLY B 227 -8.65 -26.19 -24.30
N MET B 228 -9.58 -25.52 -24.98
CA MET B 228 -9.26 -24.71 -26.14
C MET B 228 -9.99 -23.37 -26.04
N CYS B 229 -9.30 -22.31 -26.45
CA CYS B 229 -9.86 -20.96 -26.40
C CYS B 229 -11.06 -20.85 -27.34
N ARG B 230 -12.22 -20.54 -26.78
CA ARG B 230 -13.44 -20.42 -27.58
C ARG B 230 -13.51 -19.07 -28.29
N GLN B 231 -13.44 -17.98 -27.52
CA GLN B 231 -13.51 -16.64 -28.07
C GLN B 231 -12.49 -15.77 -27.36
N THR B 232 -12.16 -14.64 -27.99
CA THR B 232 -11.29 -13.64 -27.39
C THR B 232 -11.96 -12.28 -27.43
N PHE B 233 -11.94 -11.59 -26.29
CA PHE B 233 -12.59 -10.30 -26.12
C PHE B 233 -11.50 -9.29 -25.85
N THR B 234 -11.36 -8.29 -26.73
CA THR B 234 -10.37 -7.25 -26.57
C THR B 234 -11.01 -5.91 -26.90
N GLY B 235 -11.33 -5.14 -25.85
CA GLY B 235 -11.84 -3.81 -26.03
C GLY B 235 -11.18 -2.82 -25.09
N HIS B 236 -10.41 -3.34 -24.13
CA HIS B 236 -9.82 -2.51 -23.10
C HIS B 236 -8.61 -1.78 -23.66
N GLU B 237 -7.82 -1.18 -22.77
CA GLU B 237 -6.66 -0.42 -23.16
C GLU B 237 -5.43 -0.71 -22.31
N SER B 238 -5.55 -1.47 -21.23
CA SER B 238 -4.39 -1.82 -20.42
C SER B 238 -4.68 -3.12 -19.69
N ASP B 239 -3.83 -3.44 -18.72
CA ASP B 239 -3.88 -4.70 -18.01
C ASP B 239 -5.28 -4.92 -17.44
N ILE B 240 -5.77 -6.16 -17.53
CA ILE B 240 -7.04 -6.49 -16.91
C ILE B 240 -6.78 -7.16 -15.56
N ASN B 241 -7.20 -6.50 -14.48
CA ASN B 241 -6.89 -6.97 -13.13
C ASN B 241 -8.01 -7.80 -12.52
N ALA B 242 -9.21 -7.75 -13.06
CA ALA B 242 -10.33 -8.41 -12.41
C ALA B 242 -11.40 -8.74 -13.42
N ILE B 243 -12.05 -9.89 -13.22
CA ILE B 243 -13.07 -10.39 -14.13
C ILE B 243 -14.10 -11.15 -13.31
N CYS B 244 -15.32 -11.22 -13.84
CA CYS B 244 -16.43 -11.88 -13.14
C CYS B 244 -17.54 -12.16 -14.15
N PHE B 245 -18.23 -13.29 -13.96
CA PHE B 245 -19.37 -13.63 -14.80
C PHE B 245 -20.68 -13.03 -14.28
N PHE B 246 -21.49 -12.59 -15.24
CA PHE B 246 -22.89 -12.27 -14.97
C PHE B 246 -23.59 -13.50 -14.38
N PRO B 247 -24.53 -13.29 -13.46
CA PRO B 247 -25.17 -14.44 -12.80
C PRO B 247 -25.83 -15.44 -13.72
N ASN B 248 -26.14 -15.08 -14.97
CA ASN B 248 -26.69 -16.05 -15.91
C ASN B 248 -25.65 -16.54 -16.90
N GLY B 249 -24.37 -16.42 -16.58
CA GLY B 249 -23.29 -17.01 -17.37
C GLY B 249 -23.23 -16.63 -18.82
N ASN B 250 -23.98 -15.62 -19.26
CA ASN B 250 -23.97 -15.19 -20.66
C ASN B 250 -23.32 -13.84 -20.85
N ALA B 251 -22.50 -13.39 -19.89
CA ALA B 251 -21.82 -12.12 -19.98
C ALA B 251 -20.79 -12.07 -18.86
N PHE B 252 -19.90 -11.09 -18.95
CA PHE B 252 -18.91 -10.93 -17.90
C PHE B 252 -18.38 -9.50 -17.92
N ALA B 253 -17.75 -9.11 -16.83
CA ALA B 253 -17.27 -7.74 -16.67
C ALA B 253 -15.79 -7.76 -16.33
N THR B 254 -15.00 -7.08 -17.14
CA THR B 254 -13.57 -6.94 -16.93
C THR B 254 -13.29 -5.60 -16.28
N GLY B 255 -12.30 -5.57 -15.38
CA GLY B 255 -11.88 -4.32 -14.79
C GLY B 255 -10.40 -4.10 -14.98
N SER B 256 -10.02 -3.09 -15.76
CA SER B 256 -8.64 -2.93 -16.17
C SER B 256 -7.98 -1.76 -15.45
N ASP B 257 -6.73 -1.50 -15.81
CA ASP B 257 -5.95 -0.42 -15.24
C ASP B 257 -6.08 0.89 -15.99
N ASP B 258 -6.84 0.91 -17.08
CA ASP B 258 -7.17 2.16 -17.74
C ASP B 258 -8.37 2.84 -17.10
N ALA B 259 -8.72 2.45 -15.87
CA ALA B 259 -9.83 3.03 -15.13
C ALA B 259 -11.14 2.91 -15.87
N THR B 260 -11.54 1.67 -16.14
CA THR B 260 -12.79 1.40 -16.84
C THR B 260 -13.17 -0.05 -16.65
N CYS B 261 -14.42 -0.29 -16.29
CA CYS B 261 -15.02 -1.62 -16.37
C CYS B 261 -15.81 -1.71 -17.66
N ARG B 262 -15.90 -2.90 -18.23
CA ARG B 262 -16.70 -3.12 -19.42
C ARG B 262 -17.47 -4.42 -19.30
N LEU B 263 -18.62 -4.47 -19.94
CA LEU B 263 -19.49 -5.63 -19.92
C LEU B 263 -19.45 -6.26 -21.30
N PHE B 264 -18.79 -7.40 -21.41
CA PHE B 264 -18.78 -8.19 -22.63
C PHE B 264 -19.84 -9.28 -22.54
N ASP B 265 -20.33 -9.71 -23.71
CA ASP B 265 -21.31 -10.78 -23.78
C ASP B 265 -20.80 -11.88 -24.69
N LEU B 266 -20.88 -13.11 -24.21
CA LEU B 266 -20.34 -14.24 -24.97
C LEU B 266 -21.14 -14.52 -26.23
N ARG B 267 -22.40 -14.12 -26.28
CA ARG B 267 -23.25 -14.48 -27.42
C ARG B 267 -23.01 -13.57 -28.61
N ALA B 268 -23.28 -12.28 -28.45
CA ALA B 268 -23.07 -11.33 -29.54
C ALA B 268 -21.60 -11.00 -29.75
N ASP B 269 -20.73 -11.32 -28.79
CA ASP B 269 -19.29 -11.27 -28.97
C ASP B 269 -18.79 -9.84 -29.17
N GLN B 270 -19.24 -8.94 -28.32
CA GLN B 270 -18.85 -7.53 -28.40
C GLN B 270 -18.71 -6.97 -27.00
N GLU B 271 -18.62 -5.64 -26.91
CA GLU B 271 -18.69 -4.93 -25.65
C GLU B 271 -20.01 -4.15 -25.62
N LEU B 272 -20.73 -4.26 -24.51
CA LEU B 272 -22.04 -3.63 -24.39
C LEU B 272 -21.98 -2.31 -23.62
N MET B 273 -21.49 -2.35 -22.38
CA MET B 273 -21.42 -1.17 -21.54
C MET B 273 -19.96 -0.78 -21.32
N THR B 274 -19.77 0.48 -20.94
CA THR B 274 -18.47 0.99 -20.54
C THR B 274 -18.69 1.79 -19.26
N TYR B 275 -18.12 1.31 -18.16
CA TYR B 275 -18.35 1.90 -16.84
C TYR B 275 -17.17 2.80 -16.51
N SER B 276 -17.17 3.98 -17.13
CA SER B 276 -16.11 4.96 -16.98
C SER B 276 -16.70 6.33 -16.72
N HIS B 277 -15.96 7.15 -15.97
CA HIS B 277 -16.28 8.54 -15.74
C HIS B 277 -15.03 9.36 -15.96
N ASP B 278 -15.19 10.68 -16.05
CA ASP B 278 -14.06 11.56 -16.33
C ASP B 278 -13.25 11.93 -15.10
N ASN B 279 -13.73 11.61 -13.90
CA ASN B 279 -12.99 11.93 -12.69
C ASN B 279 -12.22 10.75 -12.13
N ILE B 280 -12.55 9.54 -12.54
CA ILE B 280 -11.87 8.33 -12.06
C ILE B 280 -10.70 8.05 -12.99
N ILE B 281 -9.49 8.31 -12.50
CA ILE B 281 -8.27 8.02 -13.22
C ILE B 281 -7.44 6.98 -12.48
N CYS B 282 -8.06 6.21 -11.60
CA CYS B 282 -7.43 5.10 -10.91
C CYS B 282 -8.00 3.80 -11.44
N GLY B 283 -7.20 2.75 -11.43
CA GLY B 283 -7.60 1.52 -12.07
C GLY B 283 -8.34 0.59 -11.14
N ILE B 284 -9.21 -0.22 -11.73
CA ILE B 284 -10.03 -1.18 -10.99
C ILE B 284 -9.15 -2.32 -10.52
N THR B 285 -9.37 -2.77 -9.28
CA THR B 285 -8.61 -3.88 -8.74
C THR B 285 -9.46 -5.11 -8.45
N SER B 286 -10.78 -5.02 -8.58
CA SER B 286 -11.71 -6.08 -8.25
C SER B 286 -13.06 -5.73 -8.84
N VAL B 287 -13.77 -6.73 -9.34
CA VAL B 287 -15.17 -6.55 -9.71
C VAL B 287 -15.96 -7.76 -9.23
N SER B 288 -17.27 -7.59 -9.16
CA SER B 288 -18.21 -8.64 -8.84
C SER B 288 -19.60 -8.09 -9.04
N PHE B 289 -20.52 -8.95 -9.44
CA PHE B 289 -21.90 -8.56 -9.68
C PHE B 289 -22.73 -8.80 -8.42
N SER B 290 -23.98 -8.37 -8.50
CA SER B 290 -24.95 -8.71 -7.47
C SER B 290 -25.83 -9.84 -7.95
N LYS B 291 -26.48 -10.51 -7.00
CA LYS B 291 -27.22 -11.74 -7.31
C LYS B 291 -28.24 -11.52 -8.42
N SER B 292 -28.77 -10.30 -8.54
CA SER B 292 -29.68 -10.00 -9.64
C SER B 292 -28.94 -9.62 -10.91
N GLY B 293 -27.65 -9.33 -10.83
CA GLY B 293 -26.92 -8.85 -11.98
C GLY B 293 -27.15 -7.40 -12.33
N ARG B 294 -27.75 -6.61 -11.43
CA ARG B 294 -27.95 -5.20 -11.68
C ARG B 294 -26.82 -4.35 -11.12
N LEU B 295 -26.45 -4.58 -9.87
CA LEU B 295 -25.36 -3.84 -9.26
C LEU B 295 -24.04 -4.48 -9.61
N LEU B 296 -23.09 -3.69 -10.09
CA LEU B 296 -21.74 -4.14 -10.39
C LEU B 296 -20.79 -3.45 -9.42
N LEU B 297 -20.42 -4.15 -8.35
CA LEU B 297 -19.39 -3.65 -7.46
C LEU B 297 -18.08 -3.53 -8.23
N ALA B 298 -17.21 -2.63 -7.78
CA ALA B 298 -15.93 -2.44 -8.46
C ALA B 298 -14.97 -1.74 -7.50
N GLY B 299 -13.93 -2.46 -7.06
CA GLY B 299 -12.94 -1.86 -6.19
C GLY B 299 -11.93 -1.06 -7.00
N TYR B 300 -11.53 0.08 -6.45
CA TYR B 300 -10.66 1.01 -7.16
C TYR B 300 -9.39 1.26 -6.37
N ASP B 301 -8.48 2.01 -6.99
CA ASP B 301 -7.22 2.40 -6.37
C ASP B 301 -7.32 3.66 -5.54
N ASP B 302 -8.37 4.47 -5.72
CA ASP B 302 -8.57 5.66 -4.90
C ASP B 302 -9.10 5.31 -3.53
N PHE B 303 -8.98 4.05 -3.15
CA PHE B 303 -9.24 3.45 -1.85
C PHE B 303 -10.71 3.16 -1.60
N ASN B 304 -11.60 3.29 -2.59
CA ASN B 304 -13.02 3.10 -2.30
C ASN B 304 -13.71 2.38 -3.43
N CYS B 305 -14.58 1.44 -3.07
CA CYS B 305 -15.37 0.74 -4.07
C CYS B 305 -16.40 1.67 -4.69
N ASN B 306 -17.01 1.21 -5.77
CA ASN B 306 -18.18 1.87 -6.33
C ASN B 306 -19.28 0.83 -6.46
N VAL B 307 -20.45 1.28 -6.88
CA VAL B 307 -21.57 0.39 -7.16
C VAL B 307 -22.19 0.88 -8.47
N TRP B 308 -21.82 0.26 -9.57
CA TRP B 308 -22.30 0.70 -10.87
C TRP B 308 -23.62 0.03 -11.18
N ASP B 309 -24.64 0.82 -11.49
CA ASP B 309 -25.84 0.29 -12.09
C ASP B 309 -25.48 -0.28 -13.45
N ALA B 310 -25.43 -1.62 -13.54
CA ALA B 310 -24.82 -2.30 -14.68
C ALA B 310 -25.76 -2.48 -15.84
N LEU B 311 -26.77 -1.63 -15.96
CA LEU B 311 -27.58 -1.56 -17.17
C LEU B 311 -27.70 -0.15 -17.72
N LYS B 312 -27.28 0.87 -16.96
CA LYS B 312 -27.27 2.24 -17.44
C LYS B 312 -25.89 2.87 -17.44
N ALA B 313 -24.92 2.27 -16.75
CA ALA B 313 -23.55 2.74 -16.55
C ALA B 313 -23.46 3.89 -15.57
N ASP B 314 -24.58 4.40 -15.07
CA ASP B 314 -24.56 5.45 -14.07
C ASP B 314 -24.13 4.88 -12.73
N ARG B 315 -23.14 5.53 -12.12
CA ARG B 315 -22.89 5.23 -10.72
C ARG B 315 -24.13 5.48 -9.89
N ALA B 316 -24.37 4.59 -8.94
CA ALA B 316 -25.41 4.82 -7.94
C ALA B 316 -24.95 4.07 -6.70
N GLY B 317 -24.30 4.79 -5.81
CA GLY B 317 -23.77 4.18 -4.62
C GLY B 317 -22.26 4.19 -4.65
N VAL B 318 -21.65 4.31 -3.48
CA VAL B 318 -20.19 4.36 -3.32
C VAL B 318 -19.89 3.78 -1.96
N LEU B 319 -18.95 2.86 -1.88
CA LEU B 319 -18.51 2.39 -0.59
C LEU B 319 -17.27 3.18 -0.19
N ALA B 320 -16.85 3.03 1.06
CA ALA B 320 -15.79 3.87 1.60
C ALA B 320 -15.17 3.16 2.80
N GLY B 321 -14.44 3.89 3.61
CA GLY B 321 -14.01 3.36 4.87
C GLY B 321 -12.80 2.45 4.83
N HIS B 322 -11.99 2.53 3.79
CA HIS B 322 -10.74 1.80 3.75
C HIS B 322 -9.58 2.78 3.71
N ASP B 323 -8.49 2.40 4.37
CA ASP B 323 -7.31 3.26 4.47
C ASP B 323 -6.43 3.19 3.24
N ASN B 324 -6.45 2.07 2.52
CA ASN B 324 -5.56 1.81 1.40
C ASN B 324 -6.41 1.30 0.24
N ARG B 325 -5.73 0.81 -0.81
CA ARG B 325 -6.46 0.38 -2.00
C ARG B 325 -7.30 -0.85 -1.67
N VAL B 326 -8.40 -1.00 -2.39
CA VAL B 326 -9.30 -2.14 -2.21
C VAL B 326 -8.85 -3.25 -3.13
N SER B 327 -8.33 -4.34 -2.56
CA SER B 327 -7.76 -5.42 -3.33
C SER B 327 -8.76 -6.50 -3.70
N CYS B 328 -9.56 -6.96 -2.75
CA CYS B 328 -10.49 -8.05 -2.99
C CYS B 328 -11.91 -7.62 -2.64
N LEU B 329 -12.87 -8.23 -3.32
CA LEU B 329 -14.26 -7.79 -3.24
C LEU B 329 -15.14 -8.92 -3.74
N GLY B 330 -15.98 -9.48 -2.87
CA GLY B 330 -16.85 -10.57 -3.30
C GLY B 330 -18.22 -10.64 -2.65
N VAL B 331 -19.25 -10.65 -3.46
CA VAL B 331 -20.63 -10.76 -3.00
C VAL B 331 -20.89 -12.19 -2.56
N THR B 332 -21.76 -12.35 -1.56
CA THR B 332 -22.11 -13.68 -1.08
C THR B 332 -22.90 -14.43 -2.16
N ASP B 333 -23.09 -15.73 -1.91
CA ASP B 333 -23.76 -16.57 -2.89
C ASP B 333 -25.27 -16.39 -2.86
N ASP B 334 -25.84 -15.95 -1.74
CA ASP B 334 -27.27 -15.68 -1.66
C ASP B 334 -27.61 -14.21 -1.83
N GLY B 335 -26.61 -13.35 -2.00
CA GLY B 335 -26.83 -11.94 -2.24
C GLY B 335 -27.00 -11.09 -1.00
N MET B 336 -26.56 -11.57 0.16
CA MET B 336 -26.80 -10.84 1.40
C MET B 336 -25.77 -9.74 1.62
N ALA B 337 -24.50 -10.10 1.70
CA ALA B 337 -23.44 -9.17 2.05
C ALA B 337 -22.50 -8.95 0.89
N VAL B 338 -21.53 -8.07 1.10
CA VAL B 338 -20.46 -7.78 0.16
C VAL B 338 -19.20 -7.54 0.98
N ALA B 339 -18.31 -8.50 1.02
CA ALA B 339 -17.07 -8.36 1.78
C ALA B 339 -16.00 -7.78 0.88
N THR B 340 -15.36 -6.70 1.33
CA THR B 340 -14.27 -6.07 0.59
C THR B 340 -13.06 -6.03 1.50
N GLY B 341 -11.98 -6.67 1.08
CA GLY B 341 -10.72 -6.51 1.77
C GLY B 341 -9.93 -5.37 1.18
N SER B 342 -8.85 -5.02 1.86
CA SER B 342 -8.04 -3.91 1.39
C SER B 342 -6.66 -4.00 2.00
N TRP B 343 -5.73 -3.23 1.43
CA TRP B 343 -4.32 -3.32 1.77
C TRP B 343 -3.99 -2.78 3.15
N ASP B 344 -4.98 -2.35 3.92
CA ASP B 344 -4.79 -1.94 5.30
C ASP B 344 -5.06 -3.08 6.28
N SER B 345 -5.33 -4.28 5.76
CA SER B 345 -5.47 -5.49 6.56
C SER B 345 -6.78 -5.53 7.34
N PHE B 346 -7.81 -4.87 6.83
CA PHE B 346 -9.14 -4.93 7.44
C PHE B 346 -10.11 -5.35 6.37
N LEU B 347 -11.02 -6.26 6.74
CA LEU B 347 -11.97 -6.85 5.81
C LEU B 347 -13.36 -6.42 6.25
N LYS B 348 -13.92 -5.41 5.61
CA LYS B 348 -15.26 -4.98 5.94
C LYS B 348 -16.28 -5.95 5.35
N ILE B 349 -17.51 -5.83 5.83
CA ILE B 349 -18.65 -6.56 5.27
C ILE B 349 -19.82 -5.61 5.24
N TRP B 350 -20.38 -5.40 4.06
CA TRP B 350 -21.41 -4.41 3.81
C TRP B 350 -22.74 -5.10 3.61
N ASN B 351 -23.78 -4.31 3.41
CA ASN B 351 -25.12 -4.86 3.25
C ASN B 351 -26.15 -3.82 2.85
N ALA C 10 4.71 -22.46 -38.84
CA ALA C 10 3.77 -23.16 -37.97
C ALA C 10 3.33 -22.28 -36.81
N GLN C 11 3.98 -21.14 -36.66
CA GLN C 11 3.60 -20.19 -35.60
C GLN C 11 2.48 -19.27 -36.07
N ALA C 12 2.71 -18.52 -37.16
CA ALA C 12 1.62 -17.78 -37.77
C ALA C 12 0.52 -18.71 -38.23
N ARG C 13 0.86 -19.95 -38.58
CA ARG C 13 -0.16 -20.95 -38.88
C ARG C 13 -1.05 -21.20 -37.68
N LYS C 14 -0.46 -21.35 -36.49
CA LYS C 14 -1.25 -21.55 -35.28
C LYS C 14 -2.11 -20.33 -34.98
N LEU C 15 -1.51 -19.14 -35.02
CA LEU C 15 -2.27 -17.92 -34.76
C LEU C 15 -3.45 -17.81 -35.72
N VAL C 16 -3.22 -18.05 -37.01
CA VAL C 16 -4.28 -17.85 -37.98
C VAL C 16 -5.33 -18.95 -37.91
N GLU C 17 -4.96 -20.18 -37.55
CA GLU C 17 -6.00 -21.20 -37.42
C GLU C 17 -6.87 -20.92 -36.20
N GLN C 18 -6.29 -20.39 -35.12
CA GLN C 18 -7.11 -19.94 -34.00
C GLN C 18 -8.04 -18.82 -34.45
N LEU C 19 -7.50 -17.80 -35.12
CA LEU C 19 -8.30 -16.66 -35.53
C LEU C 19 -9.40 -17.09 -36.50
N LYS C 20 -9.16 -18.12 -37.30
CA LYS C 20 -10.23 -18.68 -38.13
C LYS C 20 -11.29 -19.38 -37.29
N MET C 21 -10.89 -20.27 -36.39
CA MET C 21 -11.85 -20.98 -35.56
C MET C 21 -12.77 -20.01 -34.83
N GLU C 22 -12.23 -18.89 -34.35
CA GLU C 22 -13.06 -17.89 -33.68
C GLU C 22 -13.94 -17.13 -34.67
N ALA C 23 -13.64 -17.18 -35.96
CA ALA C 23 -14.42 -16.48 -36.98
C ALA C 23 -15.53 -17.35 -37.56
N ASN C 24 -16.01 -18.32 -36.79
CA ASN C 24 -17.03 -19.25 -37.25
C ASN C 24 -18.26 -19.28 -36.38
N ILE C 25 -18.16 -18.89 -35.10
CA ILE C 25 -19.30 -18.95 -34.20
C ILE C 25 -20.39 -18.01 -34.66
N ASP C 26 -21.62 -18.33 -34.25
CA ASP C 26 -22.79 -17.53 -34.61
C ASP C 26 -22.98 -16.40 -33.63
N ARG C 27 -23.31 -15.22 -34.16
CA ARG C 27 -23.48 -14.01 -33.37
C ARG C 27 -24.92 -13.55 -33.46
N ILE C 28 -25.46 -13.10 -32.33
CA ILE C 28 -26.77 -12.47 -32.30
C ILE C 28 -26.58 -10.96 -32.25
N LYS C 29 -27.66 -10.21 -32.49
CA LYS C 29 -27.58 -8.77 -32.43
C LYS C 29 -27.38 -8.32 -30.98
N VAL C 30 -26.72 -7.17 -30.82
CA VAL C 30 -26.55 -6.63 -29.48
C VAL C 30 -27.87 -6.20 -28.87
N SER C 31 -28.88 -5.94 -29.69
CA SER C 31 -30.21 -5.64 -29.14
C SER C 31 -30.80 -6.86 -28.46
N LYS C 32 -30.63 -8.05 -29.05
CA LYS C 32 -31.17 -9.26 -28.44
C LYS C 32 -30.44 -9.60 -27.14
N ALA C 33 -29.10 -9.50 -27.15
CA ALA C 33 -28.37 -9.79 -25.92
C ALA C 33 -28.64 -8.75 -24.84
N ALA C 34 -28.76 -7.49 -25.24
CA ALA C 34 -29.14 -6.44 -24.30
C ALA C 34 -30.51 -6.73 -23.68
N ALA C 35 -31.48 -7.10 -24.51
CA ALA C 35 -32.81 -7.43 -24.00
C ALA C 35 -32.76 -8.63 -23.08
N ASP C 36 -31.92 -9.63 -23.37
CA ASP C 36 -31.84 -10.80 -22.50
C ASP C 36 -31.25 -10.43 -21.14
N LEU C 37 -30.19 -9.61 -21.13
CA LEU C 37 -29.61 -9.20 -19.85
C LEU C 37 -30.59 -8.36 -19.04
N MET C 38 -31.25 -7.39 -19.71
CA MET C 38 -32.26 -6.59 -19.04
C MET C 38 -33.37 -7.46 -18.47
N ALA C 39 -33.82 -8.46 -19.22
CA ALA C 39 -34.90 -9.32 -18.77
C ALA C 39 -34.47 -10.16 -17.58
N TYR C 40 -33.24 -10.67 -17.57
CA TYR C 40 -32.78 -11.42 -16.39
C TYR C 40 -32.74 -10.52 -15.17
N CYS C 41 -32.22 -9.31 -15.31
CA CYS C 41 -32.18 -8.40 -14.17
C CYS C 41 -33.57 -8.07 -13.66
N GLU C 42 -34.52 -7.80 -14.57
CA GLU C 42 -35.89 -7.51 -14.18
C GLU C 42 -36.55 -8.72 -13.52
N ALA C 43 -36.26 -9.92 -13.99
CA ALA C 43 -36.94 -11.09 -13.47
C ALA C 43 -36.37 -11.54 -12.12
N HIS C 44 -35.12 -11.22 -11.84
CA HIS C 44 -34.54 -11.58 -10.54
C HIS C 44 -34.40 -10.39 -9.61
N ALA C 45 -34.94 -9.22 -9.98
CA ALA C 45 -34.87 -8.04 -9.12
C ALA C 45 -35.51 -8.26 -7.76
N LYS C 46 -36.37 -9.27 -7.62
CA LYS C 46 -37.14 -9.48 -6.41
C LYS C 46 -36.38 -10.22 -5.32
N GLU C 47 -35.21 -10.78 -5.65
CA GLU C 47 -34.45 -11.56 -4.68
C GLU C 47 -33.01 -11.05 -4.64
N ASP C 48 -32.85 -9.75 -4.56
CA ASP C 48 -31.53 -9.12 -4.44
C ASP C 48 -31.49 -8.31 -3.16
N PRO C 49 -30.95 -8.86 -2.07
CA PRO C 49 -30.94 -8.11 -0.81
C PRO C 49 -30.15 -6.82 -0.83
N LEU C 50 -29.26 -6.62 -1.80
CA LEU C 50 -28.52 -5.37 -1.88
C LEU C 50 -29.24 -4.32 -2.69
N LEU C 51 -29.78 -4.70 -3.85
CA LEU C 51 -30.58 -3.77 -4.63
C LEU C 51 -31.78 -3.28 -3.83
N THR C 52 -32.66 -4.20 -3.41
CA THR C 52 -33.78 -3.85 -2.56
C THR C 52 -33.39 -4.15 -1.12
N PRO C 53 -33.14 -3.13 -0.29
CA PRO C 53 -32.66 -3.40 1.07
C PRO C 53 -33.72 -4.11 1.90
N VAL C 54 -33.31 -5.13 2.65
CA VAL C 54 -34.23 -6.00 3.37
C VAL C 54 -34.39 -5.49 4.80
N PRO C 55 -35.48 -5.84 5.49
CA PRO C 55 -35.66 -5.38 6.86
C PRO C 55 -34.66 -6.02 7.80
N ALA C 56 -34.45 -5.37 8.95
CA ALA C 56 -33.46 -5.83 9.91
C ALA C 56 -33.81 -7.20 10.50
N SER C 57 -35.02 -7.69 10.28
CA SER C 57 -35.41 -8.98 10.84
C SER C 57 -34.73 -10.13 10.10
N GLU C 58 -34.80 -10.12 8.78
CA GLU C 58 -34.18 -11.18 8.00
C GLU C 58 -32.71 -10.96 7.72
N ASN C 59 -32.23 -9.73 7.86
CA ASN C 59 -30.82 -9.43 7.63
C ASN C 59 -29.99 -10.04 8.76
N PRO C 60 -29.10 -10.98 8.47
CA PRO C 60 -28.31 -11.60 9.54
C PRO C 60 -27.13 -10.79 10.00
N PHE C 61 -26.84 -9.66 9.36
CA PHE C 61 -25.66 -8.87 9.69
C PHE C 61 -26.02 -7.61 10.48
N GLN D 3 -8.77 -2.54 -30.27
CA GLN D 3 -7.56 -3.20 -29.83
C GLN D 3 -6.34 -2.29 -29.94
N VAL D 4 -5.52 -2.27 -28.89
CA VAL D 4 -4.32 -1.45 -28.86
C VAL D 4 -3.38 -1.91 -29.96
N GLN D 5 -3.11 -1.03 -30.92
CA GLN D 5 -2.15 -1.36 -31.97
C GLN D 5 -1.27 -0.15 -32.26
N LEU D 6 0.00 -0.42 -32.54
CA LEU D 6 1.01 0.61 -32.80
C LEU D 6 1.85 0.13 -33.97
N GLN D 7 1.54 0.59 -35.18
CA GLN D 7 2.24 0.14 -36.38
C GLN D 7 3.19 1.22 -36.87
N GLU D 8 4.47 0.90 -36.92
CA GLU D 8 5.50 1.83 -37.36
C GLU D 8 5.66 1.81 -38.88
N SER D 9 6.19 2.91 -39.40
CA SER D 9 6.50 3.02 -40.82
C SER D 9 7.72 3.94 -40.94
N GLY D 10 8.90 3.34 -40.97
CA GLY D 10 10.12 4.12 -40.94
C GLY D 10 10.85 4.24 -42.26
N GLY D 11 11.95 3.52 -42.38
CA GLY D 11 12.76 3.57 -43.59
C GLY D 11 13.62 2.34 -43.70
N GLY D 12 14.36 2.27 -44.80
CA GLY D 12 15.17 1.11 -45.08
C GLY D 12 16.67 1.36 -45.02
N LEU D 13 17.29 1.50 -46.19
CA LEU D 13 18.73 1.57 -46.30
C LEU D 13 19.19 3.02 -46.36
N VAL D 14 20.12 3.38 -45.50
CA VAL D 14 20.76 4.70 -45.52
C VAL D 14 22.25 4.52 -45.38
N GLN D 15 22.99 5.54 -45.82
CA GLN D 15 24.44 5.54 -45.69
C GLN D 15 24.85 6.12 -44.34
N PRO D 16 26.02 5.76 -43.84
CA PRO D 16 26.49 6.34 -42.56
C PRO D 16 26.54 7.86 -42.64
N GLY D 17 25.88 8.50 -41.68
CA GLY D 17 25.68 9.94 -41.72
C GLY D 17 24.37 10.37 -42.33
N GLY D 18 23.52 9.43 -42.73
CA GLY D 18 22.24 9.76 -43.33
C GLY D 18 21.17 10.08 -42.30
N SER D 19 20.00 10.46 -42.82
CA SER D 19 18.88 10.87 -41.99
C SER D 19 17.64 10.07 -42.34
N LEU D 20 16.77 9.89 -41.36
CA LEU D 20 15.60 9.05 -41.51
C LEU D 20 14.61 9.36 -40.39
N ARG D 21 13.32 9.27 -40.72
CA ARG D 21 12.26 9.73 -39.82
C ARG D 21 11.23 8.62 -39.64
N LEU D 22 11.22 8.01 -38.46
CA LEU D 22 10.29 6.94 -38.15
C LEU D 22 8.97 7.52 -37.64
N SER D 23 7.87 6.97 -38.13
CA SER D 23 6.52 7.37 -37.72
C SER D 23 5.78 6.18 -37.17
N CYS D 24 5.07 6.39 -36.07
CA CYS D 24 4.39 5.33 -35.32
C CYS D 24 2.95 5.75 -35.07
N ALA D 25 2.05 5.37 -35.98
CA ALA D 25 0.65 5.73 -35.85
C ALA D 25 0.01 4.85 -34.78
N ALA D 26 -0.09 5.37 -33.56
CA ALA D 26 -0.75 4.66 -32.48
C ALA D 26 -2.26 4.79 -32.61
N SER D 27 -2.97 3.73 -32.27
CA SER D 27 -4.41 3.69 -32.44
C SER D 27 -4.99 2.65 -31.50
N GLY D 28 -6.31 2.69 -31.34
CA GLY D 28 -7.00 1.78 -30.44
C GLY D 28 -7.00 2.20 -28.99
N PHE D 29 -6.37 3.32 -28.65
CA PHE D 29 -6.34 3.79 -27.28
C PHE D 29 -6.13 5.30 -27.27
N THR D 30 -6.42 5.93 -26.15
CA THR D 30 -6.24 7.36 -26.02
C THR D 30 -4.77 7.69 -25.96
N PHE D 31 -4.26 8.33 -27.01
CA PHE D 31 -2.83 8.59 -27.11
C PHE D 31 -2.32 9.46 -25.98
N SER D 32 -3.07 10.50 -25.61
CA SER D 32 -2.57 11.58 -24.78
C SER D 32 -2.24 11.16 -23.35
N ASN D 33 -2.68 9.99 -22.90
CA ASN D 33 -2.56 9.62 -21.51
C ASN D 33 -1.31 8.81 -21.18
N TYR D 34 -0.55 8.39 -22.19
CA TYR D 34 0.52 7.43 -22.01
C TYR D 34 1.87 8.02 -22.39
N LYS D 35 2.91 7.62 -21.67
CA LYS D 35 4.29 8.01 -21.97
C LYS D 35 4.86 7.05 -23.00
N MET D 36 4.96 7.49 -24.24
CA MET D 36 5.48 6.64 -25.30
C MET D 36 6.97 6.43 -25.16
N ASN D 37 7.52 5.57 -26.03
CA ASN D 37 8.91 5.17 -25.97
C ASN D 37 9.41 4.87 -27.37
N TRP D 38 10.68 4.47 -27.46
CA TRP D 38 11.25 3.87 -28.66
C TRP D 38 12.31 2.89 -28.19
N VAL D 39 12.11 1.61 -28.46
CA VAL D 39 13.11 0.60 -28.15
C VAL D 39 13.60 0.01 -29.46
N ARG D 40 14.80 -0.56 -29.42
CA ARG D 40 15.39 -1.11 -30.63
C ARG D 40 16.13 -2.39 -30.29
N GLN D 41 16.26 -3.26 -31.29
CA GLN D 41 16.94 -4.53 -31.13
C GLN D 41 17.98 -4.67 -32.23
N ALA D 42 19.25 -4.51 -31.87
CA ALA D 42 20.32 -4.65 -32.84
C ALA D 42 20.52 -6.12 -33.19
N PRO D 43 20.79 -6.43 -34.46
CA PRO D 43 20.92 -7.84 -34.88
C PRO D 43 21.99 -8.54 -34.07
N GLY D 44 21.60 -9.60 -33.37
CA GLY D 44 22.50 -10.29 -32.48
C GLY D 44 22.64 -9.64 -31.13
N LYS D 45 21.56 -9.09 -30.58
CA LYS D 45 21.60 -8.41 -29.30
C LYS D 45 20.21 -8.43 -28.68
N GLY D 46 20.13 -7.98 -27.44
CA GLY D 46 18.86 -7.88 -26.75
C GLY D 46 18.17 -6.56 -27.01
N LEU D 47 17.05 -6.37 -26.32
CA LEU D 47 16.28 -5.14 -26.46
C LEU D 47 16.85 -4.05 -25.58
N GLU D 48 16.91 -2.83 -26.12
CA GLU D 48 17.38 -1.67 -25.40
C GLU D 48 16.46 -0.50 -25.68
N TRP D 49 16.41 0.43 -24.73
CA TRP D 49 15.56 1.60 -24.79
C TRP D 49 16.31 2.77 -25.41
N VAL D 50 15.64 3.52 -26.28
CA VAL D 50 16.31 4.58 -27.02
C VAL D 50 15.88 5.97 -26.53
N SER D 51 14.58 6.24 -26.46
CA SER D 51 14.14 7.56 -26.04
C SER D 51 12.65 7.55 -25.73
N ASP D 52 12.26 8.30 -24.71
CA ASP D 52 10.87 8.40 -24.28
C ASP D 52 10.36 9.82 -24.48
N ILE D 53 9.10 10.03 -24.13
CA ILE D 53 8.45 11.33 -24.17
C ILE D 53 7.18 11.25 -23.35
N SER D 54 6.93 12.29 -22.55
CA SER D 54 5.80 12.25 -21.63
C SER D 54 4.49 12.51 -22.37
N GLN D 55 3.41 12.71 -21.62
CA GLN D 55 2.09 12.78 -22.22
C GLN D 55 1.95 13.99 -23.15
N SER D 56 2.53 15.12 -22.76
CA SER D 56 2.39 16.34 -23.53
C SER D 56 3.48 16.51 -24.57
N GLY D 57 4.70 16.10 -24.26
CA GLY D 57 5.83 16.37 -25.11
C GLY D 57 6.76 17.32 -24.41
N ALA D 58 6.78 17.25 -23.08
CA ALA D 58 7.51 18.19 -22.25
C ALA D 58 8.75 17.61 -21.61
N SER D 59 8.72 16.35 -21.20
CA SER D 59 9.86 15.73 -20.51
C SER D 59 10.45 14.67 -21.44
N ILE D 60 11.32 15.10 -22.31
CA ILE D 60 12.02 14.22 -23.24
C ILE D 60 13.15 13.54 -22.50
N SER D 61 13.58 12.39 -23.00
CA SER D 61 14.76 11.73 -22.47
C SER D 61 15.35 10.85 -23.58
N TYR D 62 16.63 10.52 -23.43
CA TYR D 62 17.35 9.79 -24.46
C TYR D 62 18.32 8.83 -23.81
N THR D 63 18.72 7.83 -24.57
CA THR D 63 19.89 7.05 -24.21
C THR D 63 21.14 7.76 -24.72
N GLY D 64 22.26 7.51 -24.04
CA GLY D 64 23.47 8.25 -24.35
C GLY D 64 23.84 8.21 -25.82
N SER D 65 23.93 7.01 -26.38
CA SER D 65 24.34 6.85 -27.78
C SER D 65 23.45 7.61 -28.74
N VAL D 66 22.18 7.86 -28.37
CA VAL D 66 21.24 8.53 -29.26
C VAL D 66 21.17 10.03 -29.01
N LYS D 67 21.94 10.55 -28.06
CA LYS D 67 21.81 11.94 -27.65
C LYS D 67 22.51 12.85 -28.63
N GLY D 68 21.81 13.90 -29.06
CA GLY D 68 22.30 14.84 -30.03
C GLY D 68 21.95 14.49 -31.46
N ARG D 69 21.69 13.21 -31.73
CA ARG D 69 21.42 12.74 -33.09
C ARG D 69 19.94 12.47 -33.34
N PHE D 70 19.22 11.91 -32.37
CA PHE D 70 17.83 11.56 -32.54
C PHE D 70 16.94 12.54 -31.78
N THR D 71 15.75 12.79 -32.33
CA THR D 71 14.84 13.79 -31.79
C THR D 71 13.42 13.21 -31.75
N ILE D 72 12.98 12.80 -30.57
CA ILE D 72 11.68 12.15 -30.41
C ILE D 72 10.62 13.21 -30.16
N SER D 73 9.52 13.12 -30.91
CA SER D 73 8.48 14.14 -30.86
C SER D 73 7.14 13.50 -31.16
N ARG D 74 6.16 13.72 -30.29
CA ARG D 74 4.82 13.19 -30.48
C ARG D 74 3.87 14.27 -30.97
N ASP D 75 2.80 13.84 -31.62
CA ASP D 75 1.78 14.73 -32.17
C ASP D 75 0.42 14.23 -31.67
N ASN D 76 0.03 14.66 -30.47
CA ASN D 76 -1.17 14.14 -29.83
C ASN D 76 -2.43 14.40 -30.63
N ALA D 77 -2.38 15.28 -31.63
CA ALA D 77 -3.59 15.60 -32.39
C ALA D 77 -3.93 14.50 -33.38
N LYS D 78 -2.92 13.82 -33.93
CA LYS D 78 -3.13 12.78 -34.92
C LYS D 78 -2.71 11.41 -34.42
N ASN D 79 -2.51 11.26 -33.11
CA ASN D 79 -2.23 9.97 -32.50
C ASN D 79 -1.00 9.30 -33.11
N THR D 80 0.10 10.04 -33.19
CA THR D 80 1.31 9.53 -33.81
C THR D 80 2.53 9.93 -33.00
N LEU D 81 3.60 9.16 -33.16
CA LEU D 81 4.86 9.40 -32.48
C LEU D 81 5.96 9.41 -33.53
N TYR D 82 6.82 10.41 -33.48
CA TYR D 82 7.90 10.53 -34.44
C TYR D 82 9.25 10.34 -33.77
N LEU D 83 10.24 9.98 -34.58
CA LEU D 83 11.63 9.95 -34.17
C LEU D 83 12.47 10.38 -35.37
N GLN D 84 13.00 11.59 -35.32
CA GLN D 84 13.90 12.05 -36.37
C GLN D 84 15.31 11.57 -36.04
N MET D 85 15.97 10.99 -37.04
CA MET D 85 17.30 10.44 -36.87
C MET D 85 18.28 11.20 -37.76
N ASN D 86 19.33 11.74 -37.15
CA ASN D 86 20.36 12.48 -37.86
C ASN D 86 21.71 11.86 -37.58
N SER D 87 22.61 11.96 -38.55
CA SER D 87 23.98 11.47 -38.41
C SER D 87 24.00 10.00 -38.00
N LEU D 88 23.44 9.17 -38.87
CA LEU D 88 23.26 7.76 -38.56
C LEU D 88 24.59 7.01 -38.66
N LYS D 89 24.88 6.21 -37.65
CA LYS D 89 26.10 5.44 -37.55
C LYS D 89 25.81 3.95 -37.69
N PRO D 90 26.80 3.15 -38.12
CA PRO D 90 26.57 1.71 -38.26
C PRO D 90 26.15 1.01 -36.97
N GLU D 91 26.40 1.59 -35.80
CA GLU D 91 25.94 1.01 -34.54
C GLU D 91 24.44 1.12 -34.36
N ASP D 92 23.74 1.85 -35.24
CA ASP D 92 22.32 2.09 -35.10
C ASP D 92 21.47 1.16 -35.97
N THR D 93 22.07 0.16 -36.60
CA THR D 93 21.29 -0.81 -37.34
C THR D 93 20.52 -1.69 -36.36
N ALA D 94 19.20 -1.72 -36.49
CA ALA D 94 18.33 -2.47 -35.61
C ALA D 94 16.92 -2.42 -36.17
N VAL D 95 15.99 -3.01 -35.44
CA VAL D 95 14.56 -2.84 -35.66
C VAL D 95 14.03 -1.95 -34.55
N TYR D 96 13.21 -0.97 -34.91
CA TYR D 96 12.78 0.07 -33.99
C TYR D 96 11.32 -0.12 -33.63
N TYR D 97 11.06 -0.68 -32.45
CA TYR D 97 9.71 -0.85 -31.95
C TYR D 97 9.25 0.41 -31.25
N CYS D 98 7.99 0.75 -31.45
CA CYS D 98 7.38 1.94 -30.84
C CYS D 98 6.54 1.48 -29.65
N ALA D 99 7.20 1.26 -28.53
CA ALA D 99 6.49 0.83 -27.35
C ALA D 99 5.62 1.96 -26.80
N ARG D 100 4.70 1.62 -25.92
CA ARG D 100 4.03 2.61 -25.10
C ARG D 100 3.94 2.08 -23.67
N CYS D 101 3.23 2.70 -22.93
CA CYS D 101 3.49 2.35 -21.55
C CYS D 101 2.32 1.57 -20.97
N PRO D 102 2.50 0.72 -19.96
CA PRO D 102 1.39 -0.11 -19.51
C PRO D 102 0.16 0.67 -19.09
N ALA D 103 0.30 1.57 -18.10
CA ALA D 103 -0.82 2.30 -17.53
C ALA D 103 -0.80 3.76 -17.97
N PRO D 104 -1.93 4.46 -17.90
CA PRO D 104 -1.94 5.90 -18.15
C PRO D 104 -1.69 6.70 -16.88
N PHE D 105 -1.44 7.99 -17.09
CA PHE D 105 -1.25 8.96 -15.99
C PHE D 105 -0.20 8.48 -15.00
N THR D 106 0.89 7.95 -15.49
CA THR D 106 1.94 7.42 -14.64
C THR D 106 3.29 7.90 -15.13
N ARG D 107 4.21 8.11 -14.19
CA ARG D 107 5.57 8.50 -14.52
C ARG D 107 6.53 7.32 -14.61
N ASP D 108 6.15 6.17 -14.07
CA ASP D 108 6.91 4.94 -14.24
C ASP D 108 6.45 4.24 -15.52
N CYS D 109 7.41 3.84 -16.35
CA CYS D 109 7.11 3.09 -17.55
C CYS D 109 7.73 1.73 -17.33
N PHE D 110 6.94 0.77 -16.87
CA PHE D 110 7.49 -0.43 -16.25
C PHE D 110 7.50 -1.54 -17.29
N ASP D 111 8.60 -2.31 -17.31
CA ASP D 111 8.70 -3.51 -18.14
C ASP D 111 8.37 -3.24 -19.60
N VAL D 112 9.12 -2.31 -20.20
CA VAL D 112 8.82 -1.85 -21.55
C VAL D 112 9.72 -2.48 -22.61
N THR D 113 10.90 -2.97 -22.23
CA THR D 113 11.79 -3.68 -23.15
C THR D 113 11.76 -5.19 -22.91
N SER D 114 10.67 -5.70 -22.36
CA SER D 114 10.55 -7.12 -22.11
C SER D 114 10.56 -7.88 -23.43
N THR D 115 10.96 -9.16 -23.35
CA THR D 115 11.10 -9.96 -24.56
C THR D 115 9.77 -10.11 -25.27
N THR D 116 8.70 -10.40 -24.52
CA THR D 116 7.34 -10.47 -25.04
C THR D 116 6.53 -9.43 -24.28
N TYR D 117 6.35 -8.26 -24.87
CA TYR D 117 5.60 -7.17 -24.27
C TYR D 117 4.39 -6.86 -25.15
N ALA D 118 3.29 -6.49 -24.51
CA ALA D 118 2.00 -6.51 -25.20
C ALA D 118 1.77 -5.26 -26.04
N TYR D 119 2.13 -4.09 -25.53
CA TYR D 119 1.83 -2.82 -26.19
C TYR D 119 3.08 -2.31 -26.89
N ARG D 120 3.30 -2.83 -28.09
CA ARG D 120 4.54 -2.59 -28.81
C ARG D 120 4.34 -3.00 -30.26
N GLY D 121 4.99 -2.28 -31.15
CA GLY D 121 4.81 -2.55 -32.55
C GLY D 121 5.56 -3.76 -33.04
N GLN D 122 5.30 -4.12 -34.29
CA GLN D 122 6.06 -5.19 -34.91
C GLN D 122 7.47 -4.75 -35.25
N GLY D 123 7.67 -3.46 -35.49
CA GLY D 123 8.98 -2.91 -35.72
C GLY D 123 9.24 -2.61 -37.18
N THR D 124 10.23 -1.75 -37.41
CA THR D 124 10.73 -1.44 -38.74
C THR D 124 12.24 -1.50 -38.72
N GLN D 125 12.82 -2.07 -39.79
CA GLN D 125 14.24 -2.33 -39.85
C GLN D 125 14.95 -1.13 -40.46
N VAL D 126 15.83 -0.51 -39.69
CA VAL D 126 16.65 0.60 -40.15
C VAL D 126 18.07 0.07 -40.33
N THR D 127 18.42 -0.23 -41.58
CA THR D 127 19.73 -0.76 -41.91
C THR D 127 20.57 0.36 -42.51
N VAL D 128 21.67 0.70 -41.84
CA VAL D 128 22.57 1.74 -42.30
C VAL D 128 23.87 1.09 -42.76
N SER D 129 24.14 1.20 -44.05
CA SER D 129 25.31 0.56 -44.65
C SER D 129 25.57 1.19 -46.01
N SER D 130 26.46 0.59 -46.78
CA SER D 130 26.79 1.05 -48.12
C SER D 130 26.80 -0.12 -49.11
N ALA E 45 -12.99 42.42 38.12
CA ALA E 45 -13.47 41.88 36.85
C ALA E 45 -13.55 40.36 36.91
N VAL E 46 -14.49 39.85 37.69
CA VAL E 46 -14.70 38.42 37.84
C VAL E 46 -15.79 38.01 36.84
N ALA E 47 -16.57 38.98 36.37
CA ALA E 47 -17.64 38.69 35.43
C ALA E 47 -17.13 37.99 34.18
N LEU E 48 -15.99 38.42 33.65
CA LEU E 48 -15.40 37.77 32.49
C LEU E 48 -14.70 36.47 32.84
N ALA E 49 -14.37 36.26 34.11
CA ALA E 49 -13.92 34.93 34.52
C ALA E 49 -15.00 33.89 34.22
N GLY E 50 -16.26 34.31 34.12
CA GLY E 50 -17.28 33.40 33.64
C GLY E 50 -17.02 32.93 32.22
N ALA E 51 -16.66 33.84 31.32
CA ALA E 51 -16.30 33.44 29.97
C ALA E 51 -15.02 32.60 29.97
N LEU E 52 -14.10 32.90 30.88
CA LEU E 52 -12.91 32.07 31.02
C LEU E 52 -13.28 30.63 31.40
N LEU E 53 -14.15 30.47 32.39
CA LEU E 53 -14.63 29.15 32.77
C LEU E 53 -15.32 28.47 31.60
N ALA E 54 -16.22 29.17 30.93
CA ALA E 54 -16.99 28.57 29.86
C ALA E 54 -16.09 28.06 28.75
N LEU E 55 -15.15 28.89 28.29
CA LEU E 55 -14.28 28.48 27.20
C LEU E 55 -13.20 27.50 27.66
N GLU E 56 -12.95 27.39 28.97
CA GLU E 56 -11.91 26.49 29.47
C GLU E 56 -12.44 25.10 29.76
N VAL E 57 -13.51 25.00 30.56
CA VAL E 57 -14.07 23.69 30.88
C VAL E 57 -14.54 23.00 29.60
N LEU E 58 -15.25 23.73 28.75
CA LEU E 58 -15.78 23.13 27.52
C LEU E 58 -14.64 22.68 26.61
N ALA E 59 -13.64 23.54 26.40
CA ALA E 59 -12.51 23.13 25.58
C ALA E 59 -11.83 21.89 26.16
N THR E 60 -11.54 21.89 27.46
CA THR E 60 -10.85 20.76 28.06
C THR E 60 -11.64 19.48 27.87
N VAL E 61 -12.89 19.44 28.34
CA VAL E 61 -13.62 18.18 28.31
C VAL E 61 -13.93 17.76 26.89
N GLY E 62 -14.33 18.70 26.02
CA GLY E 62 -14.64 18.32 24.65
C GLY E 62 -13.44 17.79 23.91
N GLY E 63 -12.30 18.49 24.00
CA GLY E 63 -11.11 18.02 23.32
C GLY E 63 -10.65 16.67 23.82
N ASN E 64 -10.60 16.49 25.15
CA ASN E 64 -10.09 15.23 25.66
C ASN E 64 -11.05 14.08 25.41
N LEU E 65 -12.36 14.32 25.44
CA LEU E 65 -13.30 13.28 25.06
C LEU E 65 -13.17 12.95 23.59
N LEU E 66 -12.98 13.96 22.74
CA LEU E 66 -12.83 13.70 21.32
C LEU E 66 -11.59 12.86 21.05
N VAL E 67 -10.51 13.14 21.77
CA VAL E 67 -9.29 12.36 21.61
C VAL E 67 -9.50 10.92 22.05
N ILE E 68 -10.05 10.74 23.26
CA ILE E 68 -10.32 9.38 23.74
C ILE E 68 -11.19 8.63 22.76
N VAL E 69 -12.21 9.29 22.20
CA VAL E 69 -13.13 8.62 21.30
C VAL E 69 -12.44 8.23 20.01
N ALA E 70 -11.85 9.21 19.32
CA ALA E 70 -11.18 8.93 18.06
C ALA E 70 -10.07 7.89 18.20
N ILE E 71 -9.46 7.77 19.38
CA ILE E 71 -8.54 6.67 19.60
C ILE E 71 -9.29 5.38 19.81
N ALA E 72 -10.49 5.45 20.40
CA ALA E 72 -11.21 4.23 20.74
C ALA E 72 -11.88 3.61 19.52
N ARG E 73 -12.44 4.41 18.62
CA ARG E 73 -13.22 3.87 17.51
C ARG E 73 -12.53 4.04 16.16
N THR E 74 -11.20 4.08 16.16
CA THR E 74 -10.43 4.02 14.92
C THR E 74 -9.38 2.92 15.08
N PRO E 75 -9.29 1.97 14.15
CA PRO E 75 -8.28 0.92 14.28
C PRO E 75 -6.89 1.38 13.88
N ARG E 76 -6.78 2.51 13.19
CA ARG E 76 -5.47 3.04 12.79
C ARG E 76 -4.80 3.80 13.92
N LEU E 77 -5.58 4.43 14.80
CA LEU E 77 -5.06 5.28 15.85
C LEU E 77 -4.69 4.53 17.10
N GLN E 78 -4.87 3.23 17.14
CA GLN E 78 -4.63 2.44 18.36
C GLN E 78 -3.21 1.91 18.39
N THR E 79 -2.25 2.82 18.24
CA THR E 79 -0.86 2.46 18.19
C THR E 79 -0.36 2.18 19.61
N MET E 80 0.96 2.00 19.77
CA MET E 80 1.55 1.74 21.07
C MET E 80 1.97 3.02 21.77
N THR E 81 1.87 4.16 21.10
CA THR E 81 2.09 5.47 21.72
C THR E 81 0.79 6.20 22.02
N ASN E 82 -0.32 5.78 21.42
CA ASN E 82 -1.61 6.37 21.69
C ASN E 82 -2.26 5.84 22.94
N VAL E 83 -1.70 4.81 23.57
CA VAL E 83 -2.21 4.47 24.89
C VAL E 83 -1.74 5.51 25.90
N PHE E 84 -0.54 6.06 25.70
CA PHE E 84 -0.11 7.17 26.54
C PHE E 84 -0.94 8.41 26.27
N VAL E 85 -1.29 8.65 25.01
CA VAL E 85 -2.12 9.81 24.70
C VAL E 85 -3.51 9.62 25.27
N THR E 86 -3.99 8.39 25.34
CA THR E 86 -5.29 8.15 25.98
C THR E 86 -5.20 8.38 27.48
N SER E 87 -4.10 7.97 28.11
CA SER E 87 -3.93 8.28 29.53
C SER E 87 -3.89 9.78 29.76
N LEU E 88 -3.19 10.50 28.90
CA LEU E 88 -3.15 11.95 28.99
C LEU E 88 -4.54 12.55 28.86
N ALA E 89 -5.30 12.11 27.86
CA ALA E 89 -6.63 12.66 27.66
C ALA E 89 -7.57 12.30 28.79
N THR E 90 -7.38 11.16 29.43
CA THR E 90 -8.19 10.80 30.58
C THR E 90 -7.88 11.68 31.79
N ALA E 91 -6.59 11.85 32.11
CA ALA E 91 -6.22 12.76 33.19
C ALA E 91 -6.75 14.16 32.93
N ASP E 92 -6.58 14.66 31.70
CA ASP E 92 -7.02 16.01 31.40
C ASP E 92 -8.55 16.13 31.40
N LEU E 93 -9.25 15.06 31.03
CA LEU E 93 -10.71 15.09 31.07
C LEU E 93 -11.20 15.14 32.51
N VAL E 94 -10.62 14.31 33.39
CA VAL E 94 -11.01 14.37 34.79
C VAL E 94 -10.73 15.74 35.38
N VAL E 95 -9.57 16.33 35.03
CA VAL E 95 -9.27 17.67 35.51
C VAL E 95 -10.32 18.66 35.00
N GLY E 96 -10.43 18.82 33.69
CA GLY E 96 -11.36 19.77 33.14
C GLY E 96 -12.82 19.51 33.46
N LEU E 97 -13.14 18.36 34.05
CA LEU E 97 -14.52 18.10 34.43
C LEU E 97 -14.78 18.39 35.89
N LEU E 98 -13.85 18.02 36.79
CA LEU E 98 -14.17 18.14 38.20
C LEU E 98 -13.00 18.66 39.04
N VAL E 99 -12.10 19.44 38.44
CA VAL E 99 -11.07 20.16 39.18
C VAL E 99 -11.14 21.64 38.83
N VAL E 100 -11.27 21.93 37.54
CA VAL E 100 -11.38 23.32 37.07
C VAL E 100 -12.58 24.02 37.68
N PRO E 101 -13.78 23.44 37.73
CA PRO E 101 -14.94 24.19 38.25
C PRO E 101 -14.80 24.53 39.72
N PRO E 102 -14.47 23.58 40.60
CA PRO E 102 -14.43 23.95 42.03
C PRO E 102 -13.31 24.93 42.35
N GLY E 103 -12.10 24.70 41.83
CA GLY E 103 -11.04 25.66 42.03
C GLY E 103 -11.33 26.99 41.40
N ALA E 104 -12.09 26.99 40.30
CA ALA E 104 -12.51 28.23 39.67
C ALA E 104 -13.40 29.04 40.59
N THR E 105 -14.44 28.42 41.14
CA THR E 105 -15.28 29.12 42.10
C THR E 105 -14.49 29.58 43.32
N LEU E 106 -13.72 28.68 43.93
CA LEU E 106 -12.91 29.05 45.09
C LEU E 106 -11.99 30.23 44.78
N ALA E 107 -11.50 30.34 43.54
CA ALA E 107 -10.70 31.49 43.17
C ALA E 107 -11.55 32.74 43.07
N LEU E 108 -12.70 32.64 42.39
CA LEU E 108 -13.55 33.81 42.21
C LEU E 108 -14.23 34.21 43.52
N THR E 109 -14.88 33.26 44.18
CA THR E 109 -15.52 33.48 45.48
C THR E 109 -14.63 32.83 46.53
N GLY E 110 -13.93 33.64 47.31
CA GLY E 110 -12.93 33.11 48.22
C GLY E 110 -13.53 32.34 49.37
N ARG E 111 -14.32 31.32 49.06
CA ARG E 111 -14.94 30.49 50.08
C ARG E 111 -15.35 29.18 49.43
N TRP E 112 -15.00 28.07 50.06
CA TRP E 112 -15.19 26.76 49.46
C TRP E 112 -16.67 26.42 49.35
N PRO E 113 -17.21 26.21 48.15
CA PRO E 113 -18.65 25.98 48.01
C PRO E 113 -19.09 24.62 48.51
N LEU E 114 -18.24 23.61 48.35
CA LEU E 114 -18.54 22.27 48.83
C LEU E 114 -18.32 22.20 50.34
N GLY E 115 -18.39 21.00 50.91
CA GLY E 115 -18.18 20.80 52.31
C GLY E 115 -16.76 20.39 52.63
N ALA E 116 -16.55 20.05 53.90
CA ALA E 116 -15.23 19.58 54.32
C ALA E 116 -14.83 18.30 53.58
N THR E 117 -15.70 17.30 53.59
CA THR E 117 -15.42 16.08 52.83
C THR E 117 -15.33 16.37 51.34
N GLY E 118 -16.12 17.33 50.85
CA GLY E 118 -15.97 17.77 49.47
C GLY E 118 -14.60 18.40 49.22
N CYS E 119 -14.12 19.20 50.18
CA CYS E 119 -12.77 19.75 50.07
C CYS E 119 -11.73 18.63 50.00
N GLU E 120 -11.89 17.60 50.83
CA GLU E 120 -10.94 16.50 50.82
C GLU E 120 -10.97 15.75 49.50
N LEU E 121 -12.17 15.52 48.96
CA LEU E 121 -12.31 14.86 47.67
C LEU E 121 -11.64 15.67 46.56
N TRP E 122 -11.92 16.97 46.53
CA TRP E 122 -11.34 17.82 45.48
C TRP E 122 -9.82 17.86 45.59
N THR E 123 -9.29 18.01 46.80
CA THR E 123 -7.84 18.01 46.98
C THR E 123 -7.23 16.71 46.47
N SER E 124 -7.76 15.57 46.90
CA SER E 124 -7.16 14.31 46.50
C SER E 124 -7.26 14.11 44.99
N VAL E 125 -8.38 14.48 44.38
CA VAL E 125 -8.54 14.21 42.96
C VAL E 125 -7.64 15.12 42.14
N ASP E 126 -7.43 16.37 42.57
CA ASP E 126 -6.58 17.23 41.77
C ASP E 126 -5.12 16.82 41.90
N VAL E 127 -4.66 16.53 43.12
CA VAL E 127 -3.30 16.03 43.28
C VAL E 127 -3.09 14.75 42.51
N LEU E 128 -4.14 13.94 42.34
CA LEU E 128 -4.01 12.71 41.58
C LEU E 128 -3.90 12.98 40.09
N CYS E 129 -4.84 13.74 39.54
CA CYS E 129 -4.91 13.87 38.09
C CYS E 129 -3.83 14.79 37.53
N VAL E 130 -3.43 15.83 38.27
CA VAL E 130 -2.32 16.66 37.80
C VAL E 130 -1.05 15.84 37.69
N THR E 131 -0.74 15.06 38.72
CA THR E 131 0.44 14.21 38.71
C THR E 131 0.34 13.17 37.61
N ALA E 132 -0.85 12.60 37.40
CA ALA E 132 -1.00 11.60 36.35
C ALA E 132 -0.75 12.21 34.98
N SER E 133 -1.27 13.42 34.73
CA SER E 133 -1.04 14.06 33.44
C SER E 133 0.43 14.38 33.22
N ILE E 134 1.12 14.90 34.25
CA ILE E 134 2.53 15.21 34.07
C ILE E 134 3.34 13.93 33.85
N GLU E 135 3.05 12.87 34.61
CA GLU E 135 3.79 11.63 34.45
C GLU E 135 3.55 10.99 33.10
N THR E 136 2.33 11.07 32.57
CA THR E 136 2.14 10.52 31.24
C THR E 136 2.73 11.42 30.16
N LEU E 137 2.89 12.71 30.42
CA LEU E 137 3.70 13.53 29.50
C LEU E 137 5.14 13.05 29.49
N CYS E 138 5.71 12.80 30.66
CA CYS E 138 7.06 12.26 30.71
C CYS E 138 7.15 10.90 30.02
N ALA E 139 6.10 10.09 30.13
CA ALA E 139 6.13 8.78 29.51
C ALA E 139 6.01 8.87 28.00
N LEU E 140 5.22 9.82 27.48
CA LEU E 140 5.21 10.06 26.04
C LEU E 140 6.58 10.53 25.56
N ALA E 141 7.25 11.36 26.36
CA ALA E 141 8.59 11.82 26.00
C ALA E 141 9.55 10.66 25.89
N VAL E 142 9.57 9.78 26.89
CA VAL E 142 10.46 8.61 26.83
C VAL E 142 10.02 7.66 25.72
N ASP E 143 8.73 7.61 25.41
CA ASP E 143 8.27 6.78 24.31
C ASP E 143 8.88 7.21 22.99
N ARG E 144 8.73 8.48 22.63
CA ARG E 144 9.32 8.88 21.35
C ARG E 144 10.84 9.00 21.41
N TYR E 145 11.41 9.10 22.60
CA TYR E 145 12.86 8.89 22.73
C TYR E 145 13.26 7.51 22.25
N LEU E 146 12.64 6.46 22.80
CA LEU E 146 12.97 5.11 22.35
C LEU E 146 12.61 4.92 20.88
N ALA E 147 11.58 5.60 20.40
CA ALA E 147 11.17 5.41 19.01
C ALA E 147 12.12 6.08 18.03
N VAL E 148 12.84 7.11 18.45
CA VAL E 148 13.72 7.86 17.55
C VAL E 148 15.17 7.45 17.71
N THR E 149 15.60 7.17 18.93
CA THR E 149 17.01 6.83 19.16
C THR E 149 17.28 5.33 19.15
N ASN E 150 16.25 4.51 18.94
CA ASN E 150 16.43 3.06 18.81
C ASN E 150 15.37 2.54 17.85
N PRO E 151 15.45 2.92 16.59
CA PRO E 151 14.30 2.73 15.69
C PRO E 151 14.07 1.29 15.31
N LEU E 152 15.11 0.48 15.30
CA LEU E 152 14.98 -0.91 14.85
C LEU E 152 14.40 -1.79 15.94
N ARG E 153 14.93 -1.70 17.15
CA ARG E 153 14.47 -2.48 18.29
C ARG E 153 13.38 -1.78 19.07
N TYR E 154 12.57 -0.95 18.42
CA TYR E 154 11.50 -0.25 19.13
C TYR E 154 10.21 -1.06 19.11
N GLY E 155 9.70 -1.39 17.92
CA GLY E 155 8.50 -2.18 17.80
C GLY E 155 8.54 -3.51 18.53
N ALA E 156 9.72 -3.92 19.00
CA ALA E 156 9.87 -5.09 19.85
C ALA E 156 10.17 -4.71 21.29
N LEU E 157 10.31 -3.43 21.60
CA LEU E 157 10.61 -2.96 22.94
C LEU E 157 9.37 -2.40 23.62
N VAL E 158 8.68 -1.48 22.95
CA VAL E 158 7.46 -0.87 23.48
C VAL E 158 6.31 -1.49 22.72
N THR E 159 5.77 -2.57 23.25
CA THR E 159 4.60 -3.23 22.69
C THR E 159 3.35 -2.64 23.34
N LYS E 160 2.21 -3.33 23.17
CA LYS E 160 0.98 -2.84 23.78
C LYS E 160 0.89 -3.21 25.25
N ARG E 161 1.39 -4.40 25.61
CA ARG E 161 1.27 -4.83 27.00
C ARG E 161 2.21 -4.04 27.91
N ARG E 162 3.42 -3.76 27.45
CA ARG E 162 4.33 -2.98 28.27
C ARG E 162 3.91 -1.52 28.32
N ALA E 163 3.30 -1.02 27.25
CA ALA E 163 2.73 0.32 27.28
C ALA E 163 1.61 0.43 28.30
N ARG E 164 0.68 -0.53 28.30
CA ARG E 164 -0.39 -0.52 29.28
C ARG E 164 0.16 -0.67 30.70
N ALA E 165 1.16 -1.50 30.89
CA ALA E 165 1.76 -1.63 32.22
C ALA E 165 2.39 -0.32 32.67
N ALA E 166 3.05 0.40 31.74
CA ALA E 166 3.65 1.68 32.11
C ALA E 166 2.58 2.71 32.46
N VAL E 167 1.51 2.77 31.67
CA VAL E 167 0.41 3.68 31.99
C VAL E 167 -0.16 3.37 33.37
N VAL E 168 -0.33 2.09 33.67
CA VAL E 168 -0.89 1.70 34.96
C VAL E 168 0.06 2.08 36.08
N LEU E 169 1.37 1.95 35.87
CA LEU E 169 2.31 2.37 36.90
C LEU E 169 2.27 3.87 37.10
N VAL E 170 2.15 4.62 36.01
CA VAL E 170 2.01 6.08 36.10
C VAL E 170 0.84 6.44 37.00
N TRP E 171 -0.33 5.88 36.72
CA TRP E 171 -1.51 6.24 37.50
C TRP E 171 -1.45 5.69 38.92
N VAL E 172 -0.77 4.56 39.13
CA VAL E 172 -0.62 4.03 40.48
C VAL E 172 0.25 4.94 41.32
N VAL E 173 1.38 5.40 40.77
CA VAL E 173 2.22 6.30 41.56
C VAL E 173 1.55 7.65 41.76
N SER E 174 0.76 8.11 40.78
CA SER E 174 0.02 9.35 40.99
C SER E 174 -0.99 9.18 42.11
N ALA E 175 -1.74 8.09 42.13
CA ALA E 175 -2.71 7.85 43.20
C ALA E 175 -2.02 7.67 44.54
N ALA E 176 -0.84 7.07 44.56
CA ALA E 176 -0.10 6.97 45.81
C ALA E 176 0.28 8.35 46.32
N VAL E 177 0.77 9.22 45.43
CA VAL E 177 1.12 10.58 45.83
C VAL E 177 -0.11 11.32 46.32
N SER E 178 -1.28 11.03 45.73
CA SER E 178 -2.48 11.78 46.06
C SER E 178 -3.04 11.40 47.43
N PHE E 179 -2.96 10.14 47.81
CA PHE E 179 -3.53 9.66 49.05
C PHE E 179 -2.56 9.75 50.22
N ALA E 180 -1.42 10.42 50.04
CA ALA E 180 -0.48 10.59 51.13
C ALA E 180 -1.02 11.42 52.29
N PRO E 181 -1.68 12.56 52.07
CA PRO E 181 -2.07 13.39 53.21
C PRO E 181 -3.29 12.91 53.96
N ILE E 182 -4.06 11.96 53.42
CA ILE E 182 -5.19 11.41 54.15
C ILE E 182 -4.71 10.75 55.43
N MET E 183 -3.66 9.95 55.35
CA MET E 183 -3.00 9.48 56.55
C MET E 183 -2.40 10.66 57.30
N SER E 184 -2.49 10.62 58.63
CA SER E 184 -2.00 11.69 59.48
C SER E 184 -2.59 13.04 59.12
N GLU E 194 -1.06 29.92 59.04
CA GLU E 194 -2.37 29.28 59.05
C GLU E 194 -2.23 27.80 59.39
N ALA E 195 -1.48 27.51 60.46
CA ALA E 195 -1.34 26.14 60.93
C ALA E 195 -2.66 25.65 61.48
N GLN E 196 -3.15 24.53 60.92
CA GLN E 196 -4.47 23.96 61.21
C GLN E 196 -5.53 25.04 61.40
N ARG E 197 -5.60 25.94 60.41
CA ARG E 197 -6.55 27.04 60.41
C ARG E 197 -7.83 26.71 59.64
N CYS E 198 -7.72 26.39 58.34
CA CYS E 198 -8.87 25.95 57.57
C CYS E 198 -9.32 24.54 57.92
N HIS E 199 -8.54 23.80 58.69
CA HIS E 199 -8.98 22.50 59.19
C HIS E 199 -9.82 22.64 60.45
N SER E 200 -10.15 23.85 60.86
CA SER E 200 -11.19 24.12 61.84
C SER E 200 -12.55 24.30 61.19
N ASN E 201 -12.68 23.92 59.92
CA ASN E 201 -13.88 24.04 59.11
C ASN E 201 -14.52 25.42 59.20
N PRO E 202 -13.85 26.47 58.72
CA PRO E 202 -14.54 27.76 58.54
C PRO E 202 -15.23 27.84 57.19
N HIS E 203 -15.43 26.67 56.57
CA HIS E 203 -15.97 26.54 55.22
C HIS E 203 -14.97 27.03 54.17
N CYS E 204 -13.71 26.69 54.37
CA CYS E 204 -12.64 26.87 53.38
C CYS E 204 -11.93 25.55 53.14
N CYS E 205 -11.13 25.52 52.08
CA CYS E 205 -10.40 24.32 51.68
C CYS E 205 -8.91 24.62 51.77
N ALA E 206 -8.19 23.79 52.53
CA ALA E 206 -6.77 23.99 52.81
C ALA E 206 -5.95 22.98 52.04
N PHE E 207 -5.07 23.46 51.16
CA PHE E 207 -4.14 22.56 50.48
C PHE E 207 -3.15 22.00 51.48
N ALA E 208 -2.65 20.80 51.20
CA ALA E 208 -1.78 20.10 52.14
C ALA E 208 -0.44 20.82 52.20
N SER E 209 -0.32 21.73 53.16
CA SER E 209 0.85 22.59 53.25
C SER E 209 1.93 22.03 54.17
N ASN E 210 1.80 20.78 54.60
CA ASN E 210 2.89 20.13 55.31
C ASN E 210 4.13 20.15 54.43
N ILE E 211 5.18 20.80 54.91
CA ILE E 211 6.35 21.12 54.10
C ILE E 211 6.96 19.86 53.48
N PRO E 212 7.19 18.78 54.24
CA PRO E 212 7.69 17.56 53.60
C PRO E 212 6.80 17.06 52.48
N TYR E 213 5.48 17.04 52.67
CA TYR E 213 4.61 16.61 51.60
C TYR E 213 4.65 17.58 50.43
N ALA E 214 4.80 18.88 50.69
CA ALA E 214 4.89 19.83 49.59
C ALA E 214 6.12 19.58 48.74
N LEU E 215 7.28 19.37 49.39
CA LEU E 215 8.50 19.11 48.62
C LEU E 215 8.41 17.78 47.89
N LEU E 216 7.86 16.75 48.51
CA LEU E 216 7.77 15.45 47.84
C LEU E 216 6.77 15.48 46.69
N SER E 217 5.64 16.17 46.86
CA SER E 217 4.67 16.25 45.78
C SER E 217 5.22 17.06 44.62
N SER E 218 5.84 18.21 44.89
CA SER E 218 6.40 19.01 43.80
C SER E 218 7.59 18.34 43.14
N SER E 219 8.33 17.50 43.87
CA SER E 219 9.41 16.75 43.26
C SER E 219 8.89 15.63 42.38
N VAL E 220 8.14 14.68 42.95
CA VAL E 220 7.69 13.53 42.18
C VAL E 220 6.70 13.95 41.10
N SER E 221 6.13 15.16 41.22
CA SER E 221 5.06 15.52 40.30
C SER E 221 5.56 16.37 39.15
N PHE E 222 6.51 17.26 39.40
CA PHE E 222 6.89 18.13 38.30
C PHE E 222 8.39 18.19 38.04
N TYR E 223 9.21 18.16 39.07
CA TYR E 223 10.63 18.43 38.86
C TYR E 223 11.39 17.21 38.32
N LEU E 224 10.94 16.00 38.62
CA LEU E 224 11.60 14.85 38.03
C LEU E 224 11.12 14.61 36.60
N PRO E 225 9.81 14.67 36.32
CA PRO E 225 9.39 14.64 34.91
C PRO E 225 9.98 15.77 34.10
N LEU E 226 10.22 16.93 34.68
CA LEU E 226 10.90 17.98 33.94
C LEU E 226 12.29 17.54 33.53
N LEU E 227 13.08 17.03 34.48
CA LEU E 227 14.41 16.55 34.16
C LEU E 227 14.36 15.53 33.04
N VAL E 228 13.55 14.48 33.20
CA VAL E 228 13.53 13.39 32.23
C VAL E 228 13.09 13.90 30.87
N MET E 229 11.97 14.61 30.82
CA MET E 229 11.44 15.10 29.56
C MET E 229 12.41 16.06 28.88
N LEU E 230 13.15 16.87 29.64
CA LEU E 230 14.09 17.79 29.03
C LEU E 230 15.29 17.08 28.44
N PHE E 231 15.91 16.14 29.17
CA PHE E 231 17.09 15.56 28.51
C PHE E 231 16.69 14.59 27.40
N VAL E 232 15.56 13.90 27.54
CA VAL E 232 15.04 13.10 26.44
C VAL E 232 14.83 13.96 25.20
N TYR E 233 14.14 15.09 25.34
CA TYR E 233 13.87 15.90 24.17
C TYR E 233 15.11 16.61 23.67
N ALA E 234 16.11 16.83 24.52
CA ALA E 234 17.38 17.34 24.05
C ALA E 234 18.02 16.37 23.07
N ARG E 235 18.11 15.10 23.48
CA ARG E 235 18.69 14.10 22.58
C ARG E 235 17.88 13.96 21.30
N VAL E 236 16.55 14.00 21.40
CA VAL E 236 15.74 13.88 20.19
C VAL E 236 15.93 15.09 19.28
N PHE E 237 16.16 16.27 19.87
CA PHE E 237 16.42 17.45 19.04
C PHE E 237 17.77 17.36 18.35
N LEU E 238 18.79 16.90 19.07
CA LEU E 238 20.09 16.68 18.45
C LEU E 238 19.98 15.77 17.24
N VAL E 239 19.33 14.61 17.40
CA VAL E 239 19.29 13.68 16.27
C VAL E 239 18.40 14.20 15.17
N ALA E 240 17.31 14.91 15.49
CA ALA E 240 16.44 15.41 14.44
C ALA E 240 17.12 16.47 13.60
N THR E 241 17.89 17.36 14.24
CA THR E 241 18.60 18.38 13.48
C THR E 241 19.77 17.80 12.70
N ARG E 242 20.46 16.80 13.25
CA ARG E 242 21.49 16.13 12.47
C ARG E 242 20.93 15.52 11.20
N GLN E 243 19.84 14.76 11.32
CA GLN E 243 19.23 14.17 10.14
C GLN E 243 18.75 15.24 9.17
N LEU E 244 18.24 16.37 9.66
CA LEU E 244 17.79 17.41 8.76
C LEU E 244 18.95 17.99 7.96
N ARG E 245 20.09 18.23 8.61
CA ARG E 245 21.20 18.82 7.86
C ARG E 245 21.80 17.82 6.88
N LEU E 246 21.92 16.54 7.26
CA LEU E 246 22.33 15.52 6.30
C LEU E 246 21.41 15.51 5.09
N LEU E 247 20.11 15.42 5.32
CA LEU E 247 19.15 15.33 4.23
C LEU E 247 19.19 16.58 3.35
N ARG E 248 19.35 17.76 3.95
CA ARG E 248 19.35 18.98 3.15
C ARG E 248 20.64 19.18 2.39
N ARG E 249 21.76 18.60 2.83
CA ARG E 249 22.94 18.62 1.98
C ARG E 249 22.81 17.59 0.88
N GLU E 250 22.19 16.44 1.17
CA GLU E 250 22.03 15.36 0.21
C GLU E 250 20.75 15.46 -0.59
N LEU E 251 20.15 16.64 -0.64
CA LEU E 251 19.03 16.88 -1.57
C LEU E 251 19.28 18.04 -2.51
N GLY E 252 20.17 18.97 -2.17
CA GLY E 252 20.44 20.11 -3.02
C GLY E 252 21.79 20.03 -3.72
N ARG E 253 22.15 18.85 -4.20
CA ARG E 253 23.37 18.65 -4.97
C ARG E 253 23.18 18.88 -6.46
N PHE E 254 21.95 18.92 -6.96
CA PHE E 254 21.70 19.09 -8.38
C PHE E 254 20.64 20.17 -8.59
N PRO E 255 20.85 21.07 -9.57
CA PRO E 255 19.88 22.11 -9.91
C PRO E 255 18.59 21.56 -10.55
N GLU E 296 13.85 23.11 6.61
CA GLU E 296 13.74 24.18 7.58
C GLU E 296 13.58 23.62 8.99
N HIS E 297 13.80 24.48 9.98
CA HIS E 297 13.63 24.09 11.38
C HIS E 297 12.19 23.66 11.63
N ARG E 298 12.01 22.37 11.93
CA ARG E 298 10.70 21.81 12.22
C ARG E 298 10.77 21.02 13.51
N ALA E 299 11.95 20.49 13.82
CA ALA E 299 12.16 19.88 15.13
C ALA E 299 12.23 20.94 16.21
N LEU E 300 12.78 22.11 15.89
CA LEU E 300 12.76 23.21 16.84
C LEU E 300 11.33 23.63 17.14
N ARG E 301 10.52 23.85 16.11
CA ARG E 301 9.14 24.27 16.34
C ARG E 301 8.38 23.26 17.18
N THR E 302 8.45 21.98 16.83
CA THR E 302 7.65 20.97 17.52
C THR E 302 8.13 20.75 18.94
N LEU E 303 9.44 20.54 19.13
CA LEU E 303 9.93 20.32 20.48
C LEU E 303 9.75 21.57 21.35
N GLY E 304 9.83 22.76 20.75
CA GLY E 304 9.59 23.96 21.51
C GLY E 304 8.14 24.09 21.91
N LEU E 305 7.21 23.83 20.98
CA LEU E 305 5.80 23.81 21.33
C LEU E 305 5.55 22.86 22.49
N ILE E 306 6.13 21.67 22.44
CA ILE E 306 5.89 20.67 23.48
C ILE E 306 6.42 21.15 24.83
N VAL E 307 7.73 21.36 24.92
CA VAL E 307 8.30 21.70 26.22
C VAL E 307 7.83 23.07 26.70
N GLY E 308 7.48 23.98 25.79
CA GLY E 308 7.04 25.30 26.16
C GLY E 308 5.62 25.31 26.68
N THR E 309 4.68 24.67 25.99
CA THR E 309 3.36 24.57 26.58
C THR E 309 3.36 23.73 27.84
N PHE E 310 4.40 22.93 28.07
CA PHE E 310 4.45 22.26 29.36
C PHE E 310 4.96 23.18 30.45
N THR E 311 6.04 23.90 30.19
CA THR E 311 6.72 24.65 31.25
C THR E 311 6.13 26.02 31.51
N LEU E 312 5.53 26.66 30.50
CA LEU E 312 4.93 27.97 30.73
C LEU E 312 3.76 27.89 31.69
N CYS E 313 3.09 26.73 31.72
CA CYS E 313 1.86 26.55 32.48
C CYS E 313 2.08 25.89 33.83
N TRP E 314 3.08 25.03 33.96
CA TRP E 314 3.26 24.29 35.19
C TRP E 314 4.50 24.69 35.98
N LEU E 315 5.46 25.38 35.38
CA LEU E 315 6.65 25.76 36.14
C LEU E 315 6.36 26.92 37.09
N PRO E 316 5.62 27.96 36.66
CA PRO E 316 5.24 29.00 37.62
C PRO E 316 4.62 28.44 38.89
N PHE E 317 3.57 27.63 38.77
CA PHE E 317 2.92 27.16 39.99
C PHE E 317 3.86 26.35 40.85
N PHE E 318 4.75 25.55 40.26
CA PHE E 318 5.49 24.63 41.11
C PHE E 318 6.67 25.32 41.77
N VAL E 319 7.25 26.34 41.12
CA VAL E 319 8.22 27.13 41.88
C VAL E 319 7.50 27.91 42.97
N ALA E 320 6.29 28.41 42.70
CA ALA E 320 5.51 29.09 43.73
C ALA E 320 5.24 28.16 44.90
N ASN E 321 4.91 26.90 44.61
CA ASN E 321 4.59 25.95 45.65
C ASN E 321 5.81 25.62 46.49
N VAL E 322 6.96 25.42 45.83
CA VAL E 322 8.19 25.20 46.58
C VAL E 322 8.50 26.38 47.48
N MET E 323 8.26 27.61 46.99
CA MET E 323 8.50 28.78 47.82
C MET E 323 7.55 28.83 49.01
N ARG E 324 6.25 28.69 48.75
CA ARG E 324 5.21 28.66 49.77
C ARG E 324 5.53 27.65 50.85
N ALA E 325 6.08 26.50 50.44
CA ALA E 325 6.53 25.52 51.43
C ALA E 325 7.70 26.07 52.23
N LEU E 326 8.79 26.43 51.54
CA LEU E 326 9.99 26.86 52.24
C LEU E 326 9.74 28.14 53.02
N GLY E 327 9.37 29.21 52.33
CA GLY E 327 9.15 30.48 52.99
C GLY E 327 7.91 30.48 53.85
N GLY E 328 6.74 30.41 53.22
CA GLY E 328 5.49 30.38 53.95
C GLY E 328 4.43 31.25 53.29
N PRO E 329 3.33 31.47 54.00
CA PRO E 329 2.26 32.33 53.45
C PRO E 329 2.71 33.76 53.22
N SER E 330 3.79 34.19 53.86
CA SER E 330 4.32 35.53 53.60
C SER E 330 5.03 35.58 52.25
N LEU E 331 5.78 34.54 51.91
CA LEU E 331 6.46 34.52 50.63
C LEU E 331 5.48 34.28 49.48
N VAL E 332 4.51 33.39 49.68
CA VAL E 332 3.50 33.12 48.66
C VAL E 332 2.11 33.13 49.31
N PRO E 333 1.27 34.11 49.00
CA PRO E 333 -0.11 34.07 49.49
C PRO E 333 -0.98 33.17 48.63
N SER E 334 -1.98 32.57 49.28
CA SER E 334 -2.78 31.54 48.63
C SER E 334 -3.47 31.98 47.33
N PRO E 335 -3.90 33.23 47.13
CA PRO E 335 -4.48 33.56 45.82
C PRO E 335 -3.50 33.42 44.68
N ALA E 336 -2.21 33.66 44.94
CA ALA E 336 -1.19 33.40 43.91
C ALA E 336 -1.15 31.92 43.57
N LEU E 337 -1.14 31.06 44.58
CA LEU E 337 -1.16 29.63 44.32
C LEU E 337 -2.40 29.21 43.54
N LEU E 338 -3.53 29.87 43.81
CA LEU E 338 -4.75 29.53 43.10
C LEU E 338 -4.67 29.90 41.62
N ALA E 339 -4.26 31.13 41.33
CA ALA E 339 -4.10 31.54 39.94
C ALA E 339 -3.08 30.66 39.22
N LEU E 340 -2.02 30.29 39.91
CA LEU E 340 -0.98 29.49 39.27
C LEU E 340 -1.42 28.05 39.04
N ASN E 341 -2.26 27.48 39.91
CA ASN E 341 -2.86 26.20 39.59
C ASN E 341 -3.80 26.31 38.40
N TRP E 342 -4.52 27.43 38.32
CA TRP E 342 -5.39 27.63 37.16
C TRP E 342 -4.57 27.67 35.88
N LEU E 343 -3.34 28.16 35.95
CA LEU E 343 -2.43 28.04 34.81
C LEU E 343 -2.22 26.59 34.39
N GLY E 344 -2.00 25.69 35.35
CA GLY E 344 -1.81 24.29 34.99
C GLY E 344 -3.05 23.67 34.40
N TYR E 345 -4.21 24.00 34.95
CA TYR E 345 -5.44 23.48 34.34
C TYR E 345 -5.61 24.03 32.93
N ALA E 346 -5.13 25.25 32.68
CA ALA E 346 -5.11 25.74 31.31
C ALA E 346 -4.21 24.86 30.44
N ASN E 347 -3.08 24.41 30.98
CA ASN E 347 -2.23 23.48 30.23
C ASN E 347 -2.99 22.22 29.85
N SER E 348 -3.74 21.67 30.80
CA SER E 348 -4.54 20.49 30.50
C SER E 348 -5.61 20.80 29.46
N ALA E 349 -5.99 22.07 29.33
CA ALA E 349 -6.87 22.45 28.23
C ALA E 349 -6.15 22.37 26.89
N PHE E 350 -4.84 22.66 26.87
CA PHE E 350 -4.12 22.76 25.60
C PHE E 350 -3.66 21.41 25.11
N ASN E 351 -3.36 20.48 26.02
CA ASN E 351 -2.75 19.20 25.68
C ASN E 351 -3.39 18.43 24.52
N PRO E 352 -4.72 18.44 24.33
CA PRO E 352 -5.29 17.79 23.15
C PRO E 352 -4.84 18.35 21.82
N LEU E 353 -4.15 19.49 21.80
CA LEU E 353 -3.70 20.10 20.54
C LEU E 353 -2.25 19.82 20.24
N ILE E 354 -1.45 19.48 21.24
CA ILE E 354 -0.01 19.28 21.06
C ILE E 354 0.28 17.87 20.59
N TYR E 355 -0.35 16.88 21.20
CA TYR E 355 -0.03 15.48 20.94
C TYR E 355 -1.04 14.81 20.03
N CYS E 356 -1.88 15.57 19.33
CA CYS E 356 -2.90 14.99 18.47
C CYS E 356 -3.00 15.78 17.17
N ARG E 357 -1.84 16.09 16.57
CA ARG E 357 -1.79 16.92 15.38
C ARG E 357 -1.54 16.13 14.10
N SER E 358 -1.28 14.83 14.19
CA SER E 358 -0.96 14.05 13.02
C SER E 358 -2.15 14.01 12.06
N PRO E 359 -1.90 13.74 10.77
CA PRO E 359 -3.02 13.59 9.84
C PRO E 359 -3.91 12.41 10.14
N ASP E 360 -3.39 11.41 10.86
CA ASP E 360 -4.23 10.30 11.29
C ASP E 360 -5.28 10.76 12.30
N PHE E 361 -4.85 11.51 13.32
CA PHE E 361 -5.81 12.09 14.25
C PHE E 361 -6.73 13.08 13.55
N ARG E 362 -6.21 13.90 12.64
CA ARG E 362 -7.05 14.90 12.00
C ARG E 362 -8.10 14.23 11.11
N SER E 363 -7.71 13.18 10.39
CA SER E 363 -8.69 12.45 9.60
C SER E 363 -9.70 11.75 10.50
N ALA E 364 -9.26 11.15 11.60
CA ALA E 364 -10.18 10.49 12.51
C ALA E 364 -11.05 11.47 13.28
N PHE E 365 -10.69 12.75 13.30
CA PHE E 365 -11.55 13.76 13.90
C PHE E 365 -12.58 14.23 12.90
N ARG E 366 -12.16 14.50 11.66
CA ARG E 366 -13.13 14.88 10.63
C ARG E 366 -14.11 13.75 10.35
N ARG E 367 -13.69 12.50 10.53
CA ARG E 367 -14.62 11.38 10.42
C ARG E 367 -15.62 11.38 11.58
N LEU E 368 -15.26 12.02 12.69
CA LEU E 368 -16.18 12.11 13.82
C LEU E 368 -17.09 13.31 13.73
N LEU E 369 -16.70 14.31 12.94
CA LEU E 369 -17.48 15.54 12.82
C LEU E 369 -17.79 15.84 11.37
C02 H6U F . -3.79 26.84 53.53
C04 H6U F . -5.46 28.01 52.36
C05 H6U F . -6.68 28.22 51.47
C06 H6U F . -6.53 27.66 50.04
C09 H6U F . -5.55 25.85 48.49
C10 H6U F . -6.25 24.71 48.14
C11 H6U F . -6.06 24.15 46.88
C12 H6U F . -5.17 24.72 45.99
C13 H6U F . -4.96 24.10 44.61
C14 H6U F . -4.16 22.82 44.69
C16 H6U F . -2.41 21.52 43.80
C17 H6U F . -1.66 21.12 42.54
C19 H6U F . -0.64 20.03 42.89
C20 H6U F . -0.05 20.01 44.13
C21 H6U F . 0.88 19.01 44.44
C22 H6U F . 1.19 18.05 43.50
C23 H6U F . 0.59 18.08 42.26
C24 H6U F . -0.33 19.08 41.95
C25 H6U F . -4.47 25.86 46.35
C26 H6U F . -4.66 26.43 47.61
C27 H6U F . -4.75 29.03 53.02
N01 H6U F . -2.99 25.77 54.03
N03 H6U F . -4.88 26.70 52.68
N08 H6U F . -5.73 26.45 49.83
N15 H6U F . -3.26 22.70 43.57
O07 H6U F . -7.06 28.21 49.13
O18 H6U F . -2.54 20.61 41.59
S28 H6U F . -3.56 28.41 53.87
#